data_2YX5
# 
_entry.id   2YX5 
# 
_audit_conform.dict_name       mmcif_pdbx.dic 
_audit_conform.dict_version    5.380 
_audit_conform.dict_location   http://mmcif.pdb.org/dictionaries/ascii/mmcif_pdbx.dic 
# 
loop_
_database_2.database_id 
_database_2.database_code 
_database_2.pdbx_database_accession 
_database_2.pdbx_DOI 
PDB   2YX5         pdb_00002yx5 10.2210/pdb2yx5/pdb 
RCSB  RCSB027245   ?            ?                   
WWPDB D_1000027245 ?            ?                   
# 
_pdbx_database_related.db_name        TargetDB 
_pdbx_database_related.db_id          mja001001593.1 
_pdbx_database_related.details        . 
_pdbx_database_related.content_type   unspecified 
# 
_pdbx_database_status.status_code                     REL 
_pdbx_database_status.entry_id                        2YX5 
_pdbx_database_status.recvd_initial_deposition_date   2007-04-24 
_pdbx_database_status.deposit_site                    PDBJ 
_pdbx_database_status.process_site                    PDBJ 
_pdbx_database_status.status_code_sf                  REL 
_pdbx_database_status.status_code_mr                  ? 
_pdbx_database_status.SG_entry                        Y 
_pdbx_database_status.pdb_format_compatible           Y 
_pdbx_database_status.status_code_cs                  ? 
_pdbx_database_status.status_code_nmr_data            ? 
_pdbx_database_status.methods_development_category    ? 
# 
loop_
_audit_author.name 
_audit_author.pdbx_ordinal 
'Kanagawa, M.'                                           1  
'Baba, S.'                                               2  
'Agari, Y.'                                              3  
'Chen, L.Q.'                                             4  
'Fu, Z.-Q.'                                              5  
'Chrzas, J.'                                             6  
'Wang, B.C.'                                             7  
'Kuramitsu, S.'                                          8  
'Yokoyama, S.'                                           9  
'Kawai, G.'                                              10 
'Sampei, G.'                                             11 
'RIKEN Structural Genomics/Proteomics Initiative (RSGI)' 12 
# 
_citation.id                        primary 
_citation.title                     
;Crystal Structure of Methanocaldococcus jannaschii PurS, One of the Subunits of Formylglycinamide Ribonucleotide Amidotransferase in the Purine Biosynthetic Pathway
;
_citation.journal_abbrev            'To be Published' 
_citation.journal_volume            ? 
_citation.page_first                ? 
_citation.page_last                 ? 
_citation.year                      ? 
_citation.journal_id_ASTM           ? 
_citation.country                   ? 
_citation.journal_id_ISSN           ? 
_citation.journal_id_CSD            0353 
_citation.book_publisher            ? 
_citation.pdbx_database_id_PubMed   ? 
_citation.pdbx_database_id_DOI      ? 
# 
loop_
_citation_author.citation_id 
_citation_author.name 
_citation_author.ordinal 
_citation_author.identifier_ORCID 
primary 'Kanagawa, M.'  1  ? 
primary 'Baba, S.'      2  ? 
primary 'Agari, Y.'     3  ? 
primary 'Chen, L.Q.'    4  ? 
primary 'Fu, Z.-Q.'     5  ? 
primary 'Chrzas, J.'    6  ? 
primary 'Wang, B.C.'    7  ? 
primary 'Kuramitsu, S.' 8  ? 
primary 'Yokoyama, S.'  9  ? 
primary 'Kawai, G.'     10 ? 
primary 'Sampei, G.'    11 ? 
# 
_cell.entry_id           2YX5 
_cell.length_a           96.251 
_cell.length_b           96.251 
_cell.length_c           48.257 
_cell.angle_alpha        90.00 
_cell.angle_beta         90.00 
_cell.angle_gamma        120.00 
_cell.Z_PDB              12 
_cell.pdbx_unique_axis   ? 
_cell.length_a_esd       ? 
_cell.length_b_esd       ? 
_cell.length_c_esd       ? 
_cell.angle_alpha_esd    ? 
_cell.angle_beta_esd     ? 
_cell.angle_gamma_esd    ? 
# 
_symmetry.entry_id                         2YX5 
_symmetry.space_group_name_H-M             'P 64 2 2' 
_symmetry.pdbx_full_space_group_name_H-M   ? 
_symmetry.cell_setting                     ? 
_symmetry.Int_Tables_number                181 
_symmetry.space_group_name_Hall            ? 
# 
loop_
_entity.id 
_entity.type 
_entity.src_method 
_entity.pdbx_description 
_entity.formula_weight 
_entity.pdbx_number_of_molecules 
_entity.pdbx_ec 
_entity.pdbx_mutation 
_entity.pdbx_fragment 
_entity.details 
1 polymer man 'UPF0062 protein MJ1593' 9711.426 1  ? ? ? ? 
2 water   nat water                    18.015   11 ? ? ? ? 
# 
_entity_name_com.entity_id   1 
_entity_name_com.name        'hypothetical protein PurS' 
# 
_entity_poly.entity_id                      1 
_entity_poly.type                           'polypeptide(L)' 
_entity_poly.nstd_linkage                   no 
_entity_poly.nstd_monomer                   no 
_entity_poly.pdbx_seq_one_letter_code       
;MYKATVIIKLKKGVLNPEGRTIQRALNFLGFNNVKEVQTYKMIDIIMEGENEEKVKEEVEEMCKKLLANPVIHDYEIKVE
KIE
;
_entity_poly.pdbx_seq_one_letter_code_can   
;MYKATVIIKLKKGVLNPEGRTIQRALNFLGFNNVKEVQTYKMIDIIMEGENEEKVKEEVEEMCKKLLANPVIHDYEIKVE
KIE
;
_entity_poly.pdbx_strand_id                 A 
_entity_poly.pdbx_target_identifier         mja001001593.1 
# 
loop_
_entity_poly_seq.entity_id 
_entity_poly_seq.num 
_entity_poly_seq.mon_id 
_entity_poly_seq.hetero 
1 1  MET n 
1 2  TYR n 
1 3  LYS n 
1 4  ALA n 
1 5  THR n 
1 6  VAL n 
1 7  ILE n 
1 8  ILE n 
1 9  LYS n 
1 10 LEU n 
1 11 LYS n 
1 12 LYS n 
1 13 GLY n 
1 14 VAL n 
1 15 LEU n 
1 16 ASN n 
1 17 PRO n 
1 18 GLU n 
1 19 GLY n 
1 20 ARG n 
1 21 THR n 
1 22 ILE n 
1 23 GLN n 
1 24 ARG n 
1 25 ALA n 
1 26 LEU n 
1 27 ASN n 
1 28 PHE n 
1 29 LEU n 
1 30 GLY n 
1 31 PHE n 
1 32 ASN n 
1 33 ASN n 
1 34 VAL n 
1 35 LYS n 
1 36 GLU n 
1 37 VAL n 
1 38 GLN n 
1 39 THR n 
1 40 TYR n 
1 41 LYS n 
1 42 MET n 
1 43 ILE n 
1 44 ASP n 
1 45 ILE n 
1 46 ILE n 
1 47 MET n 
1 48 GLU n 
1 49 GLY n 
1 50 GLU n 
1 51 ASN n 
1 52 GLU n 
1 53 GLU n 
1 54 LYS n 
1 55 VAL n 
1 56 LYS n 
1 57 GLU n 
1 58 GLU n 
1 59 VAL n 
1 60 GLU n 
1 61 GLU n 
1 62 MET n 
1 63 CYS n 
1 64 LYS n 
1 65 LYS n 
1 66 LEU n 
1 67 LEU n 
1 68 ALA n 
1 69 ASN n 
1 70 PRO n 
1 71 VAL n 
1 72 ILE n 
1 73 HIS n 
1 74 ASP n 
1 75 TYR n 
1 76 GLU n 
1 77 ILE n 
1 78 LYS n 
1 79 VAL n 
1 80 GLU n 
1 81 LYS n 
1 82 ILE n 
1 83 GLU n 
# 
_entity_src_gen.entity_id                          1 
_entity_src_gen.pdbx_src_id                        1 
_entity_src_gen.pdbx_alt_source_flag               sample 
_entity_src_gen.pdbx_seq_type                      ? 
_entity_src_gen.pdbx_beg_seq_num                   ? 
_entity_src_gen.pdbx_end_seq_num                   ? 
_entity_src_gen.gene_src_common_name               ? 
_entity_src_gen.gene_src_genus                     Methanocaldococcus 
_entity_src_gen.pdbx_gene_src_gene                 ? 
_entity_src_gen.gene_src_species                   ? 
_entity_src_gen.gene_src_strain                    ? 
_entity_src_gen.gene_src_tissue                    ? 
_entity_src_gen.gene_src_tissue_fraction           ? 
_entity_src_gen.gene_src_details                   ? 
_entity_src_gen.pdbx_gene_src_fragment             ? 
_entity_src_gen.pdbx_gene_src_scientific_name      'Methanocaldococcus jannaschii' 
_entity_src_gen.pdbx_gene_src_ncbi_taxonomy_id     2190 
_entity_src_gen.pdbx_gene_src_variant              ? 
_entity_src_gen.pdbx_gene_src_cell_line            ? 
_entity_src_gen.pdbx_gene_src_atcc                 ? 
_entity_src_gen.pdbx_gene_src_organ                ? 
_entity_src_gen.pdbx_gene_src_organelle            ? 
_entity_src_gen.pdbx_gene_src_cell                 ? 
_entity_src_gen.pdbx_gene_src_cellular_location    ? 
_entity_src_gen.host_org_common_name               ? 
_entity_src_gen.pdbx_host_org_scientific_name      'Escherichia coli' 
_entity_src_gen.pdbx_host_org_ncbi_taxonomy_id     562 
_entity_src_gen.host_org_genus                     Escherichia 
_entity_src_gen.pdbx_host_org_gene                 ? 
_entity_src_gen.pdbx_host_org_organ                ? 
_entity_src_gen.host_org_species                   ? 
_entity_src_gen.pdbx_host_org_tissue               ? 
_entity_src_gen.pdbx_host_org_tissue_fraction      ? 
_entity_src_gen.pdbx_host_org_strain               ? 
_entity_src_gen.pdbx_host_org_variant              ? 
_entity_src_gen.pdbx_host_org_cell_line            ? 
_entity_src_gen.pdbx_host_org_atcc                 ? 
_entity_src_gen.pdbx_host_org_culture_collection   ? 
_entity_src_gen.pdbx_host_org_cell                 ? 
_entity_src_gen.pdbx_host_org_organelle            ? 
_entity_src_gen.pdbx_host_org_cellular_location    ? 
_entity_src_gen.pdbx_host_org_vector_type          PLASMID 
_entity_src_gen.pdbx_host_org_vector               ? 
_entity_src_gen.host_org_details                   ? 
_entity_src_gen.expression_system_id               ? 
_entity_src_gen.plasmid_name                       pET-21a 
_entity_src_gen.plasmid_details                    ? 
_entity_src_gen.pdbx_description                   ? 
# 
_struct_ref.id                         1 
_struct_ref.db_name                    UNP 
_struct_ref.db_code                    Y1593_METJA 
_struct_ref.pdbx_db_accession          Q58988 
_struct_ref.entity_id                  1 
_struct_ref.pdbx_seq_one_letter_code   
;MYKATVIIKLKKGVLNPEGRTIQRALNFLGFNNVKEVQTYKMIDIIMEGENEEKVKEEVEEMCKKLLANPVIHDYEIKVE
KIE
;
_struct_ref.pdbx_align_begin           1 
_struct_ref.pdbx_db_isoform            ? 
# 
_struct_ref_seq.align_id                      1 
_struct_ref_seq.ref_id                        1 
_struct_ref_seq.pdbx_PDB_id_code              2YX5 
_struct_ref_seq.pdbx_strand_id                A 
_struct_ref_seq.seq_align_beg                 1 
_struct_ref_seq.pdbx_seq_align_beg_ins_code   ? 
_struct_ref_seq.seq_align_end                 83 
_struct_ref_seq.pdbx_seq_align_end_ins_code   ? 
_struct_ref_seq.pdbx_db_accession             Q58988 
_struct_ref_seq.db_align_beg                  1 
_struct_ref_seq.pdbx_db_align_beg_ins_code    ? 
_struct_ref_seq.db_align_end                  83 
_struct_ref_seq.pdbx_db_align_end_ins_code    ? 
_struct_ref_seq.pdbx_auth_seq_align_beg       1 
_struct_ref_seq.pdbx_auth_seq_align_end       83 
# 
loop_
_chem_comp.id 
_chem_comp.type 
_chem_comp.mon_nstd_flag 
_chem_comp.name 
_chem_comp.pdbx_synonyms 
_chem_comp.formula 
_chem_comp.formula_weight 
ALA 'L-peptide linking' y ALANINE         ? 'C3 H7 N O2'     89.093  
ARG 'L-peptide linking' y ARGININE        ? 'C6 H15 N4 O2 1' 175.209 
ASN 'L-peptide linking' y ASPARAGINE      ? 'C4 H8 N2 O3'    132.118 
ASP 'L-peptide linking' y 'ASPARTIC ACID' ? 'C4 H7 N O4'     133.103 
CYS 'L-peptide linking' y CYSTEINE        ? 'C3 H7 N O2 S'   121.158 
GLN 'L-peptide linking' y GLUTAMINE       ? 'C5 H10 N2 O3'   146.144 
GLU 'L-peptide linking' y 'GLUTAMIC ACID' ? 'C5 H9 N O4'     147.129 
GLY 'peptide linking'   y GLYCINE         ? 'C2 H5 N O2'     75.067  
HIS 'L-peptide linking' y HISTIDINE       ? 'C6 H10 N3 O2 1' 156.162 
HOH non-polymer         . WATER           ? 'H2 O'           18.015  
ILE 'L-peptide linking' y ISOLEUCINE      ? 'C6 H13 N O2'    131.173 
LEU 'L-peptide linking' y LEUCINE         ? 'C6 H13 N O2'    131.173 
LYS 'L-peptide linking' y LYSINE          ? 'C6 H15 N2 O2 1' 147.195 
MET 'L-peptide linking' y METHIONINE      ? 'C5 H11 N O2 S'  149.211 
PHE 'L-peptide linking' y PHENYLALANINE   ? 'C9 H11 N O2'    165.189 
PRO 'L-peptide linking' y PROLINE         ? 'C5 H9 N O2'     115.130 
THR 'L-peptide linking' y THREONINE       ? 'C4 H9 N O3'     119.119 
TYR 'L-peptide linking' y TYROSINE        ? 'C9 H11 N O3'    181.189 
VAL 'L-peptide linking' y VALINE          ? 'C5 H11 N O2'    117.146 
# 
_exptl.entry_id          2YX5 
_exptl.method            'X-RAY DIFFRACTION' 
_exptl.crystals_number   1 
# 
_exptl_crystal.id                    1 
_exptl_crystal.density_meas          ? 
_exptl_crystal.density_Matthews      3.32 
_exptl_crystal.density_percent_sol   62.97 
_exptl_crystal.description           ? 
_exptl_crystal.F_000                 ? 
_exptl_crystal.preparation           ? 
# 
_exptl_crystal_grow.crystal_id      1 
_exptl_crystal_grow.method          'VAPOR DIFFUSION, SITTING DROP' 
_exptl_crystal_grow.temp            293 
_exptl_crystal_grow.temp_details    ? 
_exptl_crystal_grow.pH              4.9 
_exptl_crystal_grow.pdbx_details    
'25% 1,2-propanediol, 10% glycerol, phosphate-citrate, 5% PEG 3000, pH 4.9, VAPOR DIFFUSION, SITTING DROP, temperature 293K' 
_exptl_crystal_grow.pdbx_pH_range   . 
# 
_diffrn.id                     1 
_diffrn.ambient_temp           100 
_diffrn.ambient_temp_details   ? 
_diffrn.crystal_id             1 
# 
_diffrn_detector.diffrn_id              1 
_diffrn_detector.detector               CCD 
_diffrn_detector.type                   'MARMOSAIC 225 mm CCD' 
_diffrn_detector.pdbx_collection_date   2007-01-31 
_diffrn_detector.details                ? 
# 
_diffrn_radiation.diffrn_id                        1 
_diffrn_radiation.wavelength_id                    1 
_diffrn_radiation.pdbx_monochromatic_or_laue_m_l   M 
_diffrn_radiation.monochromator                    ? 
_diffrn_radiation.pdbx_diffrn_protocol             'SINGLE WAVELENGTH' 
_diffrn_radiation.pdbx_scattering_type             x-ray 
# 
_diffrn_radiation_wavelength.id           1 
_diffrn_radiation_wavelength.wavelength   0.9790 
_diffrn_radiation_wavelength.wt           1.0 
# 
_diffrn_source.diffrn_id                   1 
_diffrn_source.source                      SYNCHROTRON 
_diffrn_source.type                        'APS BEAMLINE 22-BM' 
_diffrn_source.pdbx_synchrotron_site       APS 
_diffrn_source.pdbx_synchrotron_beamline   22-BM 
_diffrn_source.pdbx_wavelength             ? 
_diffrn_source.pdbx_wavelength_list        0.9790 
# 
_reflns.entry_id                     2YX5 
_reflns.observed_criterion_sigma_I   ? 
_reflns.observed_criterion_sigma_F   ? 
_reflns.d_resolution_low             50.0 
_reflns.d_resolution_high            2.30 
_reflns.number_obs                   6252 
_reflns.number_all                   ? 
_reflns.percent_possible_obs         99.9 
_reflns.pdbx_Rmerge_I_obs            0.051 
_reflns.pdbx_Rsym_value              ? 
_reflns.pdbx_netI_over_sigmaI        ? 
_reflns.B_iso_Wilson_estimate        36.8 
_reflns.pdbx_redundancy              20.7 
_reflns.R_free_details               ? 
_reflns.limit_h_max                  ? 
_reflns.limit_h_min                  ? 
_reflns.limit_k_max                  ? 
_reflns.limit_k_min                  ? 
_reflns.limit_l_max                  ? 
_reflns.limit_l_min                  ? 
_reflns.observed_criterion_F_max     ? 
_reflns.observed_criterion_F_min     ? 
_reflns.pdbx_chi_squared             ? 
_reflns.pdbx_scaling_rejects         ? 
_reflns.pdbx_ordinal                 1 
_reflns.pdbx_diffrn_id               1 
# 
_reflns_shell.d_res_high             2.30 
_reflns_shell.d_res_low              2.38 
_reflns_shell.percent_possible_all   100.0 
_reflns_shell.Rmerge_I_obs           0.355 
_reflns_shell.pdbx_Rsym_value        ? 
_reflns_shell.meanI_over_sigI_obs    ? 
_reflns_shell.pdbx_redundancy        21.0 
_reflns_shell.percent_possible_obs   ? 
_reflns_shell.number_unique_all      593 
_reflns_shell.number_measured_all    ? 
_reflns_shell.number_measured_obs    ? 
_reflns_shell.number_unique_obs      ? 
_reflns_shell.pdbx_chi_squared       ? 
_reflns_shell.pdbx_ordinal           1 
_reflns_shell.pdbx_diffrn_id         1 
# 
_refine.entry_id                                 2YX5 
_refine.ls_number_reflns_obs                     6000 
_refine.ls_number_reflns_all                     ? 
_refine.pdbx_ls_sigma_I                          ? 
_refine.pdbx_ls_sigma_F                          0.0 
_refine.pdbx_data_cutoff_high_absF               237174.14 
_refine.pdbx_data_cutoff_low_absF                0.000000 
_refine.pdbx_data_cutoff_high_rms_absF           ? 
_refine.ls_d_res_low                             31.54 
_refine.ls_d_res_high                            2.30 
_refine.ls_percent_reflns_obs                    96.4 
_refine.ls_R_factor_obs                          0.24 
_refine.ls_R_factor_all                          ? 
_refine.ls_R_factor_R_work                       0.24 
_refine.ls_R_factor_R_free                       0.284 
_refine.ls_R_factor_R_free_error                 0.011 
_refine.ls_R_factor_R_free_error_details         ? 
_refine.ls_percent_reflns_R_free                 11.1 
_refine.ls_number_reflns_R_free                  663 
_refine.ls_number_parameters                     ? 
_refine.ls_number_restraints                     ? 
_refine.occupancy_min                            ? 
_refine.occupancy_max                            ? 
_refine.correlation_coeff_Fo_to_Fc               ? 
_refine.correlation_coeff_Fo_to_Fc_free          ? 
_refine.B_iso_mean                               58.1 
_refine.aniso_B[1][1]                            5.86 
_refine.aniso_B[2][2]                            5.86 
_refine.aniso_B[3][3]                            -11.72 
_refine.aniso_B[1][2]                            3.13 
_refine.aniso_B[1][3]                            0.00 
_refine.aniso_B[2][3]                            0.00 
_refine.solvent_model_details                    'FLAT MODEL' 
_refine.solvent_model_param_ksol                 0.364558 
_refine.solvent_model_param_bsol                 56.7779 
_refine.pdbx_solvent_vdw_probe_radii             ? 
_refine.pdbx_solvent_ion_probe_radii             ? 
_refine.pdbx_solvent_shrinkage_radii             ? 
_refine.pdbx_ls_cross_valid_method               THROUGHOUT 
_refine.details                                  ? 
_refine.pdbx_starting_model                      'PDB ENTRY 1T4A' 
_refine.pdbx_method_to_determine_struct          'MOLECULAR REPLACEMENT' 
_refine.pdbx_isotropic_thermal_model             RESTRAINED 
_refine.pdbx_stereochemistry_target_values       'MAXIMUM LIKELIHOOD' 
_refine.pdbx_stereochem_target_val_spec_case     ? 
_refine.pdbx_R_Free_selection_details            RANDOM 
_refine.pdbx_overall_ESU_R                       ? 
_refine.pdbx_overall_ESU_R_Free                  ? 
_refine.overall_SU_ML                            ? 
_refine.overall_SU_B                             ? 
_refine.ls_redundancy_reflns_obs                 ? 
_refine.B_iso_min                                ? 
_refine.B_iso_max                                ? 
_refine.overall_SU_R_Cruickshank_DPI             ? 
_refine.overall_SU_R_free                        ? 
_refine.ls_wR_factor_R_free                      ? 
_refine.ls_wR_factor_R_work                      ? 
_refine.overall_FOM_free_R_set                   ? 
_refine.overall_FOM_work_R_set                   ? 
_refine.pdbx_refine_id                           'X-RAY DIFFRACTION' 
_refine.pdbx_diffrn_id                           1 
_refine.pdbx_TLS_residual_ADP_flag               ? 
_refine.pdbx_overall_phase_error                 ? 
_refine.pdbx_overall_SU_R_free_Cruickshank_DPI   ? 
_refine.pdbx_overall_SU_R_Blow_DPI               ? 
_refine.pdbx_overall_SU_R_free_Blow_DPI          ? 
# 
_refine_analyze.entry_id                        2YX5 
_refine_analyze.Luzzati_coordinate_error_obs    0.36 
_refine_analyze.Luzzati_sigma_a_obs             0.35 
_refine_analyze.Luzzati_d_res_low_obs           5.00 
_refine_analyze.Luzzati_coordinate_error_free   0.45 
_refine_analyze.Luzzati_sigma_a_free            0.34 
_refine_analyze.Luzzati_d_res_low_free          ? 
_refine_analyze.number_disordered_residues      ? 
_refine_analyze.occupancy_sum_hydrogen          ? 
_refine_analyze.occupancy_sum_non_hydrogen      ? 
_refine_analyze.pdbx_Luzzati_d_res_high_obs     ? 
_refine_analyze.pdbx_refine_id                  'X-RAY DIFFRACTION' 
# 
_refine_hist.pdbx_refine_id                   'X-RAY DIFFRACTION' 
_refine_hist.cycle_id                         LAST 
_refine_hist.pdbx_number_atoms_protein        674 
_refine_hist.pdbx_number_atoms_nucleic_acid   0 
_refine_hist.pdbx_number_atoms_ligand         0 
_refine_hist.number_atoms_solvent             11 
_refine_hist.number_atoms_total               685 
_refine_hist.d_res_high                       2.30 
_refine_hist.d_res_low                        31.54 
# 
loop_
_refine_ls_restr.type 
_refine_ls_restr.dev_ideal 
_refine_ls_restr.dev_ideal_target 
_refine_ls_restr.weight 
_refine_ls_restr.number 
_refine_ls_restr.pdbx_refine_id 
_refine_ls_restr.pdbx_restraint_function 
c_bond_d                0.011 ?    ? ? 'X-RAY DIFFRACTION' ? 
c_bond_d_na             ?     ?    ? ? 'X-RAY DIFFRACTION' ? 
c_bond_d_prot           ?     ?    ? ? 'X-RAY DIFFRACTION' ? 
c_angle_d               ?     ?    ? ? 'X-RAY DIFFRACTION' ? 
c_angle_d_na            ?     ?    ? ? 'X-RAY DIFFRACTION' ? 
c_angle_d_prot          ?     ?    ? ? 'X-RAY DIFFRACTION' ? 
c_angle_deg             1.5   ?    ? ? 'X-RAY DIFFRACTION' ? 
c_angle_deg_na          ?     ?    ? ? 'X-RAY DIFFRACTION' ? 
c_angle_deg_prot        ?     ?    ? ? 'X-RAY DIFFRACTION' ? 
c_dihedral_angle_d      24.9  ?    ? ? 'X-RAY DIFFRACTION' ? 
c_dihedral_angle_d_na   ?     ?    ? ? 'X-RAY DIFFRACTION' ? 
c_dihedral_angle_d_prot ?     ?    ? ? 'X-RAY DIFFRACTION' ? 
c_improper_angle_d      0.93  ?    ? ? 'X-RAY DIFFRACTION' ? 
c_improper_angle_d_na   ?     ?    ? ? 'X-RAY DIFFRACTION' ? 
c_improper_angle_d_prot ?     ?    ? ? 'X-RAY DIFFRACTION' ? 
c_mcbond_it             5.00  1.50 ? ? 'X-RAY DIFFRACTION' ? 
c_mcangle_it            6.35  2.00 ? ? 'X-RAY DIFFRACTION' ? 
c_scbond_it             8.40  2.00 ? ? 'X-RAY DIFFRACTION' ? 
c_scangle_it            11.46 2.50 ? ? 'X-RAY DIFFRACTION' ? 
# 
_refine_ls_shell.pdbx_total_number_of_bins_used   6 
_refine_ls_shell.d_res_high                       2.30 
_refine_ls_shell.d_res_low                        2.44 
_refine_ls_shell.number_reflns_R_work             809 
_refine_ls_shell.R_factor_R_work                  0.33 
_refine_ls_shell.percent_reflns_obs               92.2 
_refine_ls_shell.R_factor_R_free                  0.314 
_refine_ls_shell.R_factor_R_free_error            0.029 
_refine_ls_shell.percent_reflns_R_free            12.4 
_refine_ls_shell.number_reflns_R_free             114 
_refine_ls_shell.number_reflns_all                ? 
_refine_ls_shell.R_factor_all                     ? 
_refine_ls_shell.number_reflns_obs                ? 
_refine_ls_shell.redundancy_reflns_obs            ? 
_refine_ls_shell.pdbx_refine_id                   'X-RAY DIFFRACTION' 
# 
loop_
_pdbx_xplor_file.serial_no 
_pdbx_xplor_file.param_file 
_pdbx_xplor_file.topol_file 
_pdbx_xplor_file.pdbx_refine_id 
1 protein_rep.param protein.top 'X-RAY DIFFRACTION' 
2 water_rep.param   water.top   'X-RAY DIFFRACTION' 
# 
_struct.entry_id                  2YX5 
_struct.title                     
;Crystal Structure of Methanocaldococcus jannaschii PurS, One of the Subunits of Formylglycinamide Ribonucleotide Amidotransferase in the Purine Biosynthetic Pathway
;
_struct.pdbx_model_details        ? 
_struct.pdbx_CASP_flag            ? 
_struct.pdbx_model_type_details   ? 
# 
_struct_keywords.entry_id        2YX5 
_struct_keywords.pdbx_keywords   'STRUCTURAL GENOMICS, UNKNOWN FUNCTION' 
_struct_keywords.text            
;anti parallel beta sheet, NPPSFA, National Project on Protein Structural and Functional Analyses, RIKEN Structural Genomics/Proteomics Initiative, RSGI, STRUCTURAL GENOMICS, UNKNOWN FUNCTION
;
# 
loop_
_struct_asym.id 
_struct_asym.pdbx_blank_PDB_chainid_flag 
_struct_asym.pdbx_modified 
_struct_asym.entity_id 
_struct_asym.details 
A N N 1 ? 
B N N 2 ? 
# 
_struct_biol.id        1 
_struct_biol.details   ? 
# 
loop_
_struct_conf.conf_type_id 
_struct_conf.id 
_struct_conf.pdbx_PDB_helix_id 
_struct_conf.beg_label_comp_id 
_struct_conf.beg_label_asym_id 
_struct_conf.beg_label_seq_id 
_struct_conf.pdbx_beg_PDB_ins_code 
_struct_conf.end_label_comp_id 
_struct_conf.end_label_asym_id 
_struct_conf.end_label_seq_id 
_struct_conf.pdbx_end_PDB_ins_code 
_struct_conf.beg_auth_comp_id 
_struct_conf.beg_auth_asym_id 
_struct_conf.beg_auth_seq_id 
_struct_conf.end_auth_comp_id 
_struct_conf.end_auth_asym_id 
_struct_conf.end_auth_seq_id 
_struct_conf.pdbx_PDB_helix_class 
_struct_conf.details 
_struct_conf.pdbx_PDB_helix_length 
HELX_P HELX_P1 1 ASN A 16 ? LEU A 29 ? ASN A 16 LEU A 29 1 ? 14 
HELX_P HELX_P2 2 ASN A 51 ? LEU A 66 ? ASN A 51 LEU A 66 1 ? 16 
# 
_struct_conf_type.id          HELX_P 
_struct_conf_type.criteria    ? 
_struct_conf_type.reference   ? 
# 
_struct_sheet.id               A 
_struct_sheet.type             ? 
_struct_sheet.number_strands   3 
_struct_sheet.details          ? 
# 
loop_
_struct_sheet_order.sheet_id 
_struct_sheet_order.range_id_1 
_struct_sheet_order.range_id_2 
_struct_sheet_order.offset 
_struct_sheet_order.sense 
A 1 2 ? anti-parallel 
A 2 3 ? anti-parallel 
# 
loop_
_struct_sheet_range.sheet_id 
_struct_sheet_range.id 
_struct_sheet_range.beg_label_comp_id 
_struct_sheet_range.beg_label_asym_id 
_struct_sheet_range.beg_label_seq_id 
_struct_sheet_range.pdbx_beg_PDB_ins_code 
_struct_sheet_range.end_label_comp_id 
_struct_sheet_range.end_label_asym_id 
_struct_sheet_range.end_label_seq_id 
_struct_sheet_range.pdbx_end_PDB_ins_code 
_struct_sheet_range.beg_auth_comp_id 
_struct_sheet_range.beg_auth_asym_id 
_struct_sheet_range.beg_auth_seq_id 
_struct_sheet_range.end_auth_comp_id 
_struct_sheet_range.end_auth_asym_id 
_struct_sheet_range.end_auth_seq_id 
A 1 LYS A 41 ? MET A 47 ? LYS A 41 MET A 47 
A 2 TYR A 2  ? LEU A 10 ? TYR A 2  LEU A 10 
A 3 HIS A 73 ? LYS A 81 ? HIS A 73 LYS A 81 
# 
loop_
_pdbx_struct_sheet_hbond.sheet_id 
_pdbx_struct_sheet_hbond.range_id_1 
_pdbx_struct_sheet_hbond.range_id_2 
_pdbx_struct_sheet_hbond.range_1_label_atom_id 
_pdbx_struct_sheet_hbond.range_1_label_comp_id 
_pdbx_struct_sheet_hbond.range_1_label_asym_id 
_pdbx_struct_sheet_hbond.range_1_label_seq_id 
_pdbx_struct_sheet_hbond.range_1_PDB_ins_code 
_pdbx_struct_sheet_hbond.range_1_auth_atom_id 
_pdbx_struct_sheet_hbond.range_1_auth_comp_id 
_pdbx_struct_sheet_hbond.range_1_auth_asym_id 
_pdbx_struct_sheet_hbond.range_1_auth_seq_id 
_pdbx_struct_sheet_hbond.range_2_label_atom_id 
_pdbx_struct_sheet_hbond.range_2_label_comp_id 
_pdbx_struct_sheet_hbond.range_2_label_asym_id 
_pdbx_struct_sheet_hbond.range_2_label_seq_id 
_pdbx_struct_sheet_hbond.range_2_PDB_ins_code 
_pdbx_struct_sheet_hbond.range_2_auth_atom_id 
_pdbx_struct_sheet_hbond.range_2_auth_comp_id 
_pdbx_struct_sheet_hbond.range_2_auth_asym_id 
_pdbx_struct_sheet_hbond.range_2_auth_seq_id 
A 1 2 O ILE A 45 ? O ILE A 45 N ALA A 4  ? N ALA A 4  
A 2 3 N THR A 5  ? N THR A 5  O LYS A 78 ? O LYS A 78 
# 
_atom_sites.entry_id                    2YX5 
_atom_sites.fract_transf_matrix[1][1]   0.00611978 
_atom_sites.fract_transf_matrix[1][2]   0.00912355 
_atom_sites.fract_transf_matrix[1][3]   0.00482049 
_atom_sites.fract_transf_matrix[2][1]   -0.00252448 
_atom_sites.fract_transf_matrix[2][2]   0.00370008 
_atom_sites.fract_transf_matrix[2][3]   0.01112944 
_atom_sites.fract_transf_matrix[3][1]   0.01391518 
_atom_sites.fract_transf_matrix[3][2]   -0.01334582 
_atom_sites.fract_transf_matrix[3][3]   0.00759330 
_atom_sites.fract_transf_vector[1]      0.546125 
_atom_sites.fract_transf_vector[2]      0.133960 
_atom_sites.fract_transf_vector[3]      0.103609 
# 
loop_
_atom_type.symbol 
C 
N 
O 
S 
# 
loop_
_atom_site.group_PDB 
_atom_site.id 
_atom_site.type_symbol 
_atom_site.label_atom_id 
_atom_site.label_alt_id 
_atom_site.label_comp_id 
_atom_site.label_asym_id 
_atom_site.label_entity_id 
_atom_site.label_seq_id 
_atom_site.pdbx_PDB_ins_code 
_atom_site.Cartn_x 
_atom_site.Cartn_y 
_atom_site.Cartn_z 
_atom_site.occupancy 
_atom_site.B_iso_or_equiv 
_atom_site.pdbx_formal_charge 
_atom_site.auth_seq_id 
_atom_site.auth_comp_id 
_atom_site.auth_asym_id 
_atom_site.auth_atom_id 
_atom_site.pdbx_PDB_model_num 
ATOM   1   N N   . MET A 1 1  ? -20.986 -3.010  7.863   1.00 67.56  ? 1  MET A N   1 
ATOM   2   C CA  . MET A 1 1  ? -20.152 -2.476  6.753   1.00 61.39  ? 1  MET A CA  1 
ATOM   3   C C   . MET A 1 1  ? -18.827 -1.949  7.286   1.00 60.81  ? 1  MET A C   1 
ATOM   4   O O   . MET A 1 1  ? -18.768 -1.171  8.252   1.00 53.36  ? 1  MET A O   1 
ATOM   5   C CB  . MET A 1 1  ? -20.895 -1.368  6.007   1.00 59.63  ? 1  MET A CB  1 
ATOM   6   C CG  . MET A 1 1  ? -20.528 -1.286  4.545   1.00 60.21  ? 1  MET A CG  1 
ATOM   7   S SD  . MET A 1 1  ? -20.727 -2.904  3.763   1.00 77.86  ? 1  MET A SD  1 
ATOM   8   C CE  . MET A 1 1  ? -22.453 -2.836  3.196   1.00 57.24  ? 1  MET A CE  1 
ATOM   9   N N   . TYR A 1 2  ? -17.759 -2.400  6.647   1.00 62.56  ? 2  TYR A N   1 
ATOM   10  C CA  . TYR A 1 2  ? -16.422 -2.003  7.040   1.00 60.89  ? 2  TYR A CA  1 
ATOM   11  C C   . TYR A 1 2  ? -15.607 -1.613  5.817   1.00 60.47  ? 2  TYR A C   1 
ATOM   12  O O   . TYR A 1 2  ? -15.846 -2.101  4.695   1.00 48.55  ? 2  TYR A O   1 
ATOM   13  C CB  . TYR A 1 2  ? -15.703 -3.153  7.757   1.00 65.16  ? 2  TYR A CB  1 
ATOM   14  C CG  . TYR A 1 2  ? -16.504 -3.865  8.833   1.00 72.39  ? 2  TYR A CG  1 
ATOM   15  C CD1 . TYR A 1 2  ? -16.217 -3.678  10.191  1.00 65.30  ? 2  TYR A CD1 1 
ATOM   16  C CD2 . TYR A 1 2  ? -17.520 -4.759  8.488   1.00 69.76  ? 2  TYR A CD2 1 
ATOM   17  C CE1 . TYR A 1 2  ? -16.922 -4.371  11.172  1.00 76.63  ? 2  TYR A CE1 1 
ATOM   18  C CE2 . TYR A 1 2  ? -18.227 -5.453  9.456   1.00 82.02  ? 2  TYR A CE2 1 
ATOM   19  C CZ  . TYR A 1 2  ? -17.927 -5.259  10.792  1.00 81.61  ? 2  TYR A CZ  1 
ATOM   20  O OH  . TYR A 1 2  ? -18.641 -5.965  11.730  1.00 87.75  ? 2  TYR A OH  1 
ATOM   21  N N   . LYS A 1 3  ? -14.646 -0.727  6.065   1.00 52.77  ? 3  LYS A N   1 
ATOM   22  C CA  . LYS A 1 3  ? -13.734 -0.251  5.052   1.00 48.24  ? 3  LYS A CA  1 
ATOM   23  C C   . LYS A 1 3  ? -12.342 -0.774  5.394   1.00 50.95  ? 3  LYS A C   1 
ATOM   24  O O   . LYS A 1 3  ? -11.750 -0.380  6.396   1.00 52.73  ? 3  LYS A O   1 
ATOM   25  C CB  . LYS A 1 3  ? -13.727 1.282   5.012   1.00 48.37  ? 3  LYS A CB  1 
ATOM   26  C CG  . LYS A 1 3  ? -12.620 1.875   4.134   1.00 53.12  ? 3  LYS A CG  1 
ATOM   27  C CD  . LYS A 1 3  ? -12.637 3.398   4.105   1.00 54.23  ? 3  LYS A CD  1 
ATOM   28  C CE  . LYS A 1 3  ? -11.372 3.930   3.473   1.00 50.55  ? 3  LYS A CE  1 
ATOM   29  N NZ  . LYS A 1 3  ? -11.477 5.367   3.140   1.00 65.94  ? 3  LYS A NZ  1 
ATOM   30  N N   . ALA A 1 4  ? -11.824 -1.680  4.579   1.00 40.38  ? 4  ALA A N   1 
ATOM   31  C CA  . ALA A 1 4  ? -10.495 -2.194  4.829   1.00 42.18  ? 4  ALA A CA  1 
ATOM   32  C C   . ALA A 1 4  ? -9.549  -1.429  3.925   1.00 48.11  ? 4  ALA A C   1 
ATOM   33  O O   . ALA A 1 4  ? -9.817  -1.226  2.739   1.00 52.18  ? 4  ALA A O   1 
ATOM   34  C CB  . ALA A 1 4  ? -10.426 -3.682  4.527   1.00 35.22  ? 4  ALA A CB  1 
ATOM   35  N N   . THR A 1 5  ? -8.445  -0.975  4.486   1.00 47.52  ? 5  THR A N   1 
ATOM   36  C CA  . THR A 1 5  ? -7.483  -0.255  3.690   1.00 50.62  ? 5  THR A CA  1 
ATOM   37  C C   . THR A 1 5  ? -6.232  -1.117  3.516   1.00 49.79  ? 5  THR A C   1 
ATOM   38  O O   . THR A 1 5  ? -5.604  -1.510  4.502   1.00 54.53  ? 5  THR A O   1 
ATOM   39  C CB  . THR A 1 5  ? -7.143  1.086   4.360   1.00 49.77  ? 5  THR A CB  1 
ATOM   40  O OG1 . THR A 1 5  ? -8.339  1.865   4.460   1.00 55.96  ? 5  THR A OG1 1 
ATOM   41  C CG2 . THR A 1 5  ? -6.104  1.858   3.541   1.00 52.00  ? 5  THR A CG2 1 
ATOM   42  N N   . VAL A 1 6  ? -5.887  -1.437  2.267   1.00 46.50  ? 6  VAL A N   1 
ATOM   43  C CA  . VAL A 1 6  ? -4.694  -2.235  2.018   1.00 37.34  ? 6  VAL A CA  1 
ATOM   44  C C   . VAL A 1 6  ? -3.606  -1.384  1.349   1.00 41.92  ? 6  VAL A C   1 
ATOM   45  O O   . VAL A 1 6  ? -3.825  -0.827  0.278   1.00 40.02  ? 6  VAL A O   1 
ATOM   46  C CB  . VAL A 1 6  ? -5.000  -3.445  1.114   1.00 46.68  ? 6  VAL A CB  1 
ATOM   47  C CG1 . VAL A 1 6  ? -3.778  -4.359  1.002   1.00 35.55  ? 6  VAL A CG1 1 
ATOM   48  C CG2 . VAL A 1 6  ? -6.167  -4.207  1.664   1.00 31.47  ? 6  VAL A CG2 1 
ATOM   49  N N   . ILE A 1 7  ? -2.456  -1.255  2.006   1.00 42.54  ? 7  ILE A N   1 
ATOM   50  C CA  . ILE A 1 7  ? -1.335  -0.524  1.435   1.00 46.28  ? 7  ILE A CA  1 
ATOM   51  C C   . ILE A 1 7  ? -0.365  -1.587  0.974   1.00 48.16  ? 7  ILE A C   1 
ATOM   52  O O   . ILE A 1 7  ? -0.021  -2.479  1.742   1.00 46.34  ? 7  ILE A O   1 
ATOM   53  C CB  . ILE A 1 7  ? -0.574  0.341   2.443   1.00 45.36  ? 7  ILE A CB  1 
ATOM   54  C CG1 . ILE A 1 7  ? -1.386  1.564   2.835   1.00 49.01  ? 7  ILE A CG1 1 
ATOM   55  C CG2 . ILE A 1 7  ? 0.722   0.775   1.841   1.00 42.29  ? 7  ILE A CG2 1 
ATOM   56  C CD1 . ILE A 1 7  ? -2.524  1.248   3.757   1.00 66.38  ? 7  ILE A CD1 1 
ATOM   57  N N   . ILE A 1 8  ? 0.051   -1.503  -0.286  1.00 50.00  ? 8  ILE A N   1 
ATOM   58  C CA  . ILE A 1 8  ? 0.989   -2.456  -0.848  1.00 39.66  ? 8  ILE A CA  1 
ATOM   59  C C   . ILE A 1 8  ? 2.221   -1.729  -1.376  1.00 41.26  ? 8  ILE A C   1 
ATOM   60  O O   . ILE A 1 8  ? 2.111   -0.763  -2.123  1.00 43.24  ? 8  ILE A O   1 
ATOM   61  C CB  . ILE A 1 8  ? 0.377   -3.229  -1.994  1.00 42.69  ? 8  ILE A CB  1 
ATOM   62  C CG1 . ILE A 1 8  ? -0.854  -3.985  -1.501  1.00 46.87  ? 8  ILE A CG1 1 
ATOM   63  C CG2 . ILE A 1 8  ? 1.413   -4.180  -2.569  1.00 41.89  ? 8  ILE A CG2 1 
ATOM   64  C CD1 . ILE A 1 8  ? -1.511  -4.864  -2.564  1.00 54.16  ? 8  ILE A CD1 1 
ATOM   65  N N   . LYS A 1 9  ? 3.393   -2.201  -0.974  1.00 39.92  ? 9  LYS A N   1 
ATOM   66  C CA  . LYS A 1 9  ? 4.649   -1.604  -1.398  1.00 51.09  ? 9  LYS A CA  1 
ATOM   67  C C   . LYS A 1 9  ? 5.625   -2.712  -1.796  1.00 50.10  ? 9  LYS A C   1 
ATOM   68  O O   . LYS A 1 9  ? 5.335   -3.904  -1.652  1.00 47.27  ? 9  LYS A O   1 
ATOM   69  C CB  . LYS A 1 9  ? 5.245   -0.776  -0.244  1.00 48.76  ? 9  LYS A CB  1 
ATOM   70  C CG  . LYS A 1 9  ? 5.196   -1.534  1.079   1.00 59.47  ? 9  LYS A CG  1 
ATOM   71  C CD  . LYS A 1 9  ? 5.826   -0.778  2.236   1.00 78.56  ? 9  LYS A CD  1 
ATOM   72  C CE  . LYS A 1 9  ? 5.732   -1.573  3.558   1.00 87.01  ? 9  LYS A CE  1 
ATOM   73  N NZ  . LYS A 1 9  ? 4.334   -1.745  4.074   1.00 85.70  ? 9  LYS A NZ  1 
ATOM   74  N N   . LEU A 1 10 ? 6.780   -2.316  -2.310  1.00 52.82  ? 10 LEU A N   1 
ATOM   75  C CA  . LEU A 1 10 ? 7.792   -3.290  -2.670  1.00 53.58  ? 10 LEU A CA  1 
ATOM   76  C C   . LEU A 1 10 ? 8.457   -3.708  -1.362  1.00 55.66  ? 10 LEU A C   1 
ATOM   77  O O   . LEU A 1 10 ? 8.443   -2.950  -0.388  1.00 53.77  ? 10 LEU A O   1 
ATOM   78  C CB  . LEU A 1 10 ? 8.834   -2.672  -3.592  1.00 43.57  ? 10 LEU A CB  1 
ATOM   79  C CG  . LEU A 1 10 ? 8.409   -2.351  -5.016  1.00 48.53  ? 10 LEU A CG  1 
ATOM   80  C CD1 . LEU A 1 10 ? 9.590   -1.774  -5.800  1.00 53.57  ? 10 LEU A CD1 1 
ATOM   81  C CD2 . LEU A 1 10 ? 7.899   -3.611  -5.668  1.00 47.07  ? 10 LEU A CD2 1 
ATOM   82  N N   . LYS A 1 11 ? 9.018   -4.913  -1.338  1.00 55.37  ? 11 LYS A N   1 
ATOM   83  C CA  . LYS A 1 11 ? 9.716   -5.404  -0.155  1.00 63.48  ? 11 LYS A CA  1 
ATOM   84  C C   . LYS A 1 11 ? 10.696  -4.323  0.333   1.00 70.26  ? 11 LYS A C   1 
ATOM   85  O O   . LYS A 1 11 ? 11.219  -3.529  -0.462  1.00 71.67  ? 11 LYS A O   1 
ATOM   86  C CB  . LYS A 1 11 ? 10.478  -6.698  -0.496  1.00 60.09  ? 11 LYS A CB  1 
ATOM   87  C CG  . LYS A 1 11 ? 9.710   -8.002  -0.257  1.00 63.15  ? 11 LYS A CG  1 
ATOM   88  C CD  . LYS A 1 11 ? 9.858   -8.469  1.203   1.00 76.34  ? 11 LYS A CD  1 
ATOM   89  C CE  . LYS A 1 11 ? 9.184   -9.827  1.490   1.00 70.36  ? 11 LYS A CE  1 
ATOM   90  N NZ  . LYS A 1 11 ? 7.713   -9.737  1.745   1.00 57.16  ? 11 LYS A NZ  1 
ATOM   91  N N   . LYS A 1 12 ? 10.931  -4.274  1.640   1.00 74.09  ? 12 LYS A N   1 
ATOM   92  C CA  . LYS A 1 12 ? 11.856  -3.292  2.183   1.00 79.19  ? 12 LYS A CA  1 
ATOM   93  C C   . LYS A 1 12 ? 13.243  -3.639  1.675   1.00 76.05  ? 12 LYS A C   1 
ATOM   94  O O   . LYS A 1 12 ? 13.706  -4.771  1.834   1.00 70.71  ? 12 LYS A O   1 
ATOM   95  C CB  . LYS A 1 12 ? 11.853  -3.319  3.712   1.00 83.67  ? 12 LYS A CB  1 
ATOM   96  C CG  . LYS A 1 12 ? 12.728  -2.238  4.339   1.00 95.78  ? 12 LYS A CG  1 
ATOM   97  C CD  . LYS A 1 12 ? 12.709  -2.297  5.860   1.00 101.61 ? 12 LYS A CD  1 
ATOM   98  C CE  . LYS A 1 12 ? 13.279  -3.615  6.402   1.00 106.55 ? 12 LYS A CE  1 
ATOM   99  N NZ  . LYS A 1 12 ? 14.741  -3.772  6.149   1.00 110.64 ? 12 LYS A NZ  1 
ATOM   100 N N   . GLY A 1 13 ? 13.902  -2.665  1.057   1.00 71.76  ? 13 GLY A N   1 
ATOM   101 C CA  . GLY A 1 13 ? 15.230  -2.910  0.534   1.00 74.12  ? 13 GLY A CA  1 
ATOM   102 C C   . GLY A 1 13 ? 15.276  -3.012  -0.980  1.00 75.50  ? 13 GLY A C   1 
ATOM   103 O O   . GLY A 1 13 ? 16.361  -3.061  -1.561  1.00 77.91  ? 13 GLY A O   1 
ATOM   104 N N   . VAL A 1 14 ? 14.114  -3.064  -1.628  1.00 64.93  ? 14 VAL A N   1 
ATOM   105 C CA  . VAL A 1 14 ? 14.095  -3.143  -3.079  1.00 55.24  ? 14 VAL A CA  1 
ATOM   106 C C   . VAL A 1 14 ? 13.948  -1.735  -3.635  1.00 56.55  ? 14 VAL A C   1 
ATOM   107 O O   . VAL A 1 14 ? 13.057  -0.990  -3.222  1.00 48.55  ? 14 VAL A O   1 
ATOM   108 C CB  . VAL A 1 14 ? 12.939  -4.016  -3.603  1.00 56.89  ? 14 VAL A CB  1 
ATOM   109 C CG1 . VAL A 1 14 ? 12.878  -3.934  -5.124  1.00 52.48  ? 14 VAL A CG1 1 
ATOM   110 C CG2 . VAL A 1 14 ? 13.151  -5.460  -3.178  1.00 54.85  ? 14 VAL A CG2 1 
ATOM   111 N N   . LEU A 1 15 ? 14.843  -1.358  -4.548  1.00 50.24  ? 15 LEU A N   1 
ATOM   112 C CA  . LEU A 1 15 ? 14.761  -0.034  -5.124  1.00 50.11  ? 15 LEU A CA  1 
ATOM   113 C C   . LEU A 1 15 ? 13.516  0.032   -6.005  1.00 48.61  ? 15 LEU A C   1 
ATOM   114 O O   . LEU A 1 15 ? 13.146  -0.932  -6.684  1.00 45.27  ? 15 LEU A O   1 
ATOM   115 C CB  . LEU A 1 15 ? 16.035  0.297   -5.910  1.00 54.62  ? 15 LEU A CB  1 
ATOM   116 C CG  . LEU A 1 15 ? 17.273  0.510   -5.019  1.00 69.20  ? 15 LEU A CG  1 
ATOM   117 C CD1 . LEU A 1 15 ? 18.481  0.806   -5.870  1.00 68.06  ? 15 LEU A CD1 1 
ATOM   118 C CD2 . LEU A 1 15 ? 17.039  1.668   -4.052  1.00 66.32  ? 15 LEU A CD2 1 
ATOM   119 N N   . ASN A 1 16 ? 12.860  1.181   -5.954  1.00 45.50  ? 16 ASN A N   1 
ATOM   120 C CA  . ASN A 1 16 ? 11.647  1.426   -6.706  1.00 47.06  ? 16 ASN A CA  1 
ATOM   121 C C   . ASN A 1 16 ? 11.845  2.502   -7.771  1.00 46.14  ? 16 ASN A C   1 
ATOM   122 O O   . ASN A 1 16 ? 11.945  3.705   -7.480  1.00 44.75  ? 16 ASN A O   1 
ATOM   123 C CB  . ASN A 1 16 ? 10.514  1.809   -5.739  1.00 49.83  ? 16 ASN A CB  1 
ATOM   124 C CG  . ASN A 1 16 ? 9.212   2.170   -6.449  1.00 64.56  ? 16 ASN A CG  1 
ATOM   125 O OD1 . ASN A 1 16 ? 8.924   1.703   -7.557  1.00 60.24  ? 16 ASN A OD1 1 
ATOM   126 N ND2 . ASN A 1 16 ? 8.407   2.995   -5.793  1.00 62.81  ? 16 ASN A ND2 1 
ATOM   127 N N   . PRO A 1 17 ? 11.901  2.067   -9.031  1.00 46.25  ? 17 PRO A N   1 
ATOM   128 C CA  . PRO A 1 17 ? 12.081  2.949   -10.185 1.00 45.87  ? 17 PRO A CA  1 
ATOM   129 C C   . PRO A 1 17 ? 11.074  4.106   -10.204 1.00 40.13  ? 17 PRO A C   1 
ATOM   130 O O   . PRO A 1 17 ? 11.411  5.219   -10.614 1.00 39.51  ? 17 PRO A O   1 
ATOM   131 C CB  . PRO A 1 17 ? 11.894  2.003   -11.374 1.00 48.22  ? 17 PRO A CB  1 
ATOM   132 C CG  . PRO A 1 17 ? 12.405  0.690   -10.833 1.00 52.12  ? 17 PRO A CG  1 
ATOM   133 C CD  . PRO A 1 17 ? 11.813  0.654   -9.442  1.00 46.55  ? 17 PRO A CD  1 
ATOM   134 N N   . GLU A 1 18 ? 9.841   3.849   -9.766  1.00 37.70  ? 18 GLU A N   1 
ATOM   135 C CA  . GLU A 1 18 ? 8.843   4.915   -9.780  1.00 43.35  ? 18 GLU A CA  1 
ATOM   136 C C   . GLU A 1 18 ? 9.241   6.035   -8.802  1.00 37.15  ? 18 GLU A C   1 
ATOM   137 O O   . GLU A 1 18 ? 9.234   7.203   -9.160  1.00 34.42  ? 18 GLU A O   1 
ATOM   138 C CB  . GLU A 1 18 ? 7.447   4.397   -9.422  1.00 35.48  ? 18 GLU A CB  1 
ATOM   139 C CG  . GLU A 1 18 ? 6.344   5.403   -9.803  1.00 48.40  ? 18 GLU A CG  1 
ATOM   140 C CD  . GLU A 1 18 ? 4.980   5.027   -9.244  1.00 59.31  ? 18 GLU A CD  1 
ATOM   141 O OE1 . GLU A 1 18 ? 4.860   3.885   -8.734  1.00 71.22  ? 18 GLU A OE1 1 
ATOM   142 O OE2 . GLU A 1 18 ? 4.033   5.860   -9.315  1.00 62.79  ? 18 GLU A OE2 1 
ATOM   143 N N   . GLY A 1 19 ? 9.620   5.656   -7.587  1.00 38.28  ? 19 GLY A N   1 
ATOM   144 C CA  . GLY A 1 19 ? 9.997   6.657   -6.613  1.00 44.64  ? 19 GLY A CA  1 
ATOM   145 C C   . GLY A 1 19 ? 11.184  7.476   -7.088  1.00 45.13  ? 19 GLY A C   1 
ATOM   146 O O   . GLY A 1 19 ? 11.172  8.731   -7.055  1.00 40.33  ? 19 GLY A O   1 
ATOM   147 N N   . ARG A 1 20 ? 12.210  6.763   -7.541  1.00 41.69  ? 20 ARG A N   1 
ATOM   148 C CA  . ARG A 1 20 ? 13.415  7.403   -8.026  1.00 47.58  ? 20 ARG A CA  1 
ATOM   149 C C   . ARG A 1 20 ? 13.121  8.357   -9.175  1.00 46.08  ? 20 ARG A C   1 
ATOM   150 O O   . ARG A 1 20 ? 13.654  9.461   -9.231  1.00 43.56  ? 20 ARG A O   1 
ATOM   151 C CB  . ARG A 1 20 ? 14.417  6.335   -8.445  1.00 43.68  ? 20 ARG A CB  1 
ATOM   152 C CG  . ARG A 1 20 ? 14.872  5.503   -7.252  1.00 50.47  ? 20 ARG A CG  1 
ATOM   153 C CD  . ARG A 1 20 ? 15.328  4.128   -7.677  1.00 63.66  ? 20 ARG A CD  1 
ATOM   154 N NE  . ARG A 1 20 ? 16.340  4.204   -8.721  1.00 76.90  ? 20 ARG A NE  1 
ATOM   155 C CZ  . ARG A 1 20 ? 17.606  4.564   -8.523  1.00 77.42  ? 20 ARG A CZ  1 
ATOM   156 N NH1 . ARG A 1 20 ? 18.031  4.887   -7.303  1.00 71.54  ? 20 ARG A NH1 1 
ATOM   157 N NH2 . ARG A 1 20 ? 18.451  4.587   -9.551  1.00 64.92  ? 20 ARG A NH2 1 
ATOM   158 N N   . THR A 1 21 ? 12.237  7.940   -10.066 1.00 37.74  ? 21 THR A N   1 
ATOM   159 C CA  . THR A 1 21 ? 11.888  8.753   -11.214 1.00 39.50  ? 21 THR A CA  1 
ATOM   160 C C   . THR A 1 21 ? 11.182  10.023  -10.805 1.00 42.70  ? 21 THR A C   1 
ATOM   161 O O   . THR A 1 21 ? 11.470  11.108  -11.310 1.00 53.09  ? 21 THR A O   1 
ATOM   162 C CB  . THR A 1 21 ? 10.983  7.971   -12.166 1.00 41.94  ? 21 THR A CB  1 
ATOM   163 O OG1 . THR A 1 21 ? 11.683  6.807   -12.590 1.00 38.28  ? 21 THR A OG1 1 
ATOM   164 C CG2 . THR A 1 21 ? 10.596  8.813   -13.384 1.00 40.08  ? 21 THR A CG2 1 
ATOM   165 N N   . ILE A 1 22 ? 10.235  9.884   -9.903  1.00 39.36  ? 22 ILE A N   1 
ATOM   166 C CA  . ILE A 1 22 ? 9.504   11.037  -9.458  1.00 47.45  ? 22 ILE A CA  1 
ATOM   167 C C   . ILE A 1 22 ? 10.450  12.041  -8.812  1.00 42.84  ? 22 ILE A C   1 
ATOM   168 O O   . ILE A 1 22 ? 10.358  13.240  -9.074  1.00 40.45  ? 22 ILE A O   1 
ATOM   169 C CB  . ILE A 1 22 ? 8.395   10.624  -8.490  1.00 42.41  ? 22 ILE A CB  1 
ATOM   170 C CG1 . ILE A 1 22 ? 7.332   9.846   -9.276  1.00 50.75  ? 22 ILE A CG1 1 
ATOM   171 C CG2 . ILE A 1 22 ? 7.812   11.847  -7.811  1.00 28.44  ? 22 ILE A CG2 1 
ATOM   172 C CD1 . ILE A 1 22 ? 6.226   9.247   -8.456  1.00 42.08  ? 22 ILE A CD1 1 
ATOM   173 N N   . GLN A 1 23 ? 11.371  11.540  -7.991  1.00 44.10  ? 23 GLN A N   1 
ATOM   174 C CA  . GLN A 1 23 ? 12.320  12.405  -7.317  1.00 51.28  ? 23 GLN A CA  1 
ATOM   175 C C   . GLN A 1 23 ? 13.112  13.233  -8.324  1.00 52.90  ? 23 GLN A C   1 
ATOM   176 O O   . GLN A 1 23 ? 13.090  14.471  -8.299  1.00 48.47  ? 23 GLN A O   1 
ATOM   177 C CB  . GLN A 1 23 ? 13.290  11.575  -6.495  1.00 59.18  ? 23 GLN A CB  1 
ATOM   178 C CG  . GLN A 1 23 ? 14.158  12.384  -5.557  1.00 59.92  ? 23 GLN A CG  1 
ATOM   179 C CD  . GLN A 1 23 ? 15.339  11.581  -5.098  1.00 70.38  ? 23 GLN A CD  1 
ATOM   180 O OE1 . GLN A 1 23 ? 16.243  11.315  -5.874  1.00 85.42  ? 23 GLN A OE1 1 
ATOM   181 N NE2 . GLN A 1 23 ? 15.330  11.167  -3.840  1.00 77.25  ? 23 GLN A NE2 1 
ATOM   182 N N   . ARG A 1 24 ? 13.804  12.536  -9.216  1.00 50.35  ? 24 ARG A N   1 
ATOM   183 C CA  . ARG A 1 24 ? 14.618  13.199  -10.217 1.00 59.14  ? 24 ARG A CA  1 
ATOM   184 C C   . ARG A 1 24 ? 13.834  14.173  -11.112 1.00 53.50  ? 24 ARG A C   1 
ATOM   185 O O   . ARG A 1 24 ? 14.279  15.303  -11.364 1.00 51.70  ? 24 ARG A O   1 
ATOM   186 C CB  . ARG A 1 24 ? 15.377  12.136  -11.015 1.00 50.75  ? 24 ARG A CB  1 
ATOM   187 C CG  . ARG A 1 24 ? 16.412  11.433  -10.132 1.00 48.20  ? 24 ARG A CG  1 
ATOM   188 C CD  . ARG A 1 24 ? 17.040  10.245  -10.829 1.00 66.94  ? 24 ARG A CD  1 
ATOM   189 N NE  . ARG A 1 24 ? 18.032  9.541   -10.012 1.00 75.22  ? 24 ARG A NE  1 
ATOM   190 C CZ  . ARG A 1 24 ? 17.751  8.776   -8.962  1.00 77.95  ? 24 ARG A CZ  1 
ATOM   191 N NH1 . ARG A 1 24 ? 16.495  8.598   -8.570  1.00 70.60  ? 24 ARG A NH1 1 
ATOM   192 N NH2 . ARG A 1 24 ? 18.733  8.174   -8.304  1.00 83.44  ? 24 ARG A NH2 1 
ATOM   193 N N   . ALA A 1 25 ? 12.658  13.764  -11.564 1.00 51.41  ? 25 ALA A N   1 
ATOM   194 C CA  . ALA A 1 25 ? 11.861  14.654  -12.381 1.00 42.61  ? 25 ALA A CA  1 
ATOM   195 C C   . ALA A 1 25 ? 11.477  15.864  -11.532 1.00 47.60  ? 25 ALA A C   1 
ATOM   196 O O   . ALA A 1 25 ? 11.339  16.971  -12.048 1.00 37.16  ? 25 ALA A O   1 
ATOM   197 C CB  . ALA A 1 25 ? 10.606  13.942  -12.880 1.00 39.96  ? 25 ALA A CB  1 
ATOM   198 N N   . LEU A 1 26 ? 11.294  15.662  -10.228 1.00 43.52  ? 26 LEU A N   1 
ATOM   199 C CA  . LEU A 1 26 ? 10.920  16.789  -9.368  1.00 45.20  ? 26 LEU A CA  1 
ATOM   200 C C   . LEU A 1 26 ? 12.089  17.758  -9.184  1.00 52.32  ? 26 LEU A C   1 
ATOM   201 O O   . LEU A 1 26 ? 11.917  18.972  -9.249  1.00 46.98  ? 26 LEU A O   1 
ATOM   202 C CB  . LEU A 1 26 ? 10.428  16.306  -8.012  1.00 48.77  ? 26 LEU A CB  1 
ATOM   203 C CG  . LEU A 1 26 ? 8.990   15.836  -8.067  1.00 48.18  ? 26 LEU A CG  1 
ATOM   204 C CD1 . LEU A 1 26 ? 8.572   15.289  -6.704  1.00 33.12  ? 26 LEU A CD1 1 
ATOM   205 C CD2 . LEU A 1 26 ? 8.118   16.993  -8.507  1.00 43.79  ? 26 LEU A CD2 1 
ATOM   206 N N   . ASN A 1 27 ? 13.279  17.216  -8.957  1.00 46.86  ? 27 ASN A N   1 
ATOM   207 C CA  . ASN A 1 27 ? 14.446  18.058  -8.811  1.00 53.14  ? 27 ASN A CA  1 
ATOM   208 C C   . ASN A 1 27 ? 14.696  18.749  -10.137 1.00 60.03  ? 27 ASN A C   1 
ATOM   209 O O   . ASN A 1 27 ? 15.039  19.934  -10.180 1.00 64.72  ? 27 ASN A O   1 
ATOM   210 C CB  . ASN A 1 27 ? 15.668  17.231  -8.419  1.00 47.26  ? 27 ASN A CB  1 
ATOM   211 C CG  . ASN A 1 27 ? 15.546  16.639  -7.036  1.00 56.69  ? 27 ASN A CG  1 
ATOM   212 O OD1 . ASN A 1 27 ? 14.891  17.207  -6.152  1.00 53.13  ? 27 ASN A OD1 1 
ATOM   213 N ND2 . ASN A 1 27 ? 16.189  15.497  -6.832  1.00 54.07  ? 27 ASN A ND2 1 
ATOM   214 N N   . PHE A 1 28 ? 14.514  18.009  -11.222 1.00 51.43  ? 28 PHE A N   1 
ATOM   215 C CA  . PHE A 1 28 ? 14.732  18.566  -12.541 1.00 49.32  ? 28 PHE A CA  1 
ATOM   216 C C   . PHE A 1 28 ? 13.898  19.818  -12.785 1.00 50.63  ? 28 PHE A C   1 
ATOM   217 O O   . PHE A 1 28 ? 14.331  20.735  -13.472 1.00 58.73  ? 28 PHE A O   1 
ATOM   218 C CB  . PHE A 1 28 ? 14.393  17.542  -13.619 1.00 58.22  ? 28 PHE A CB  1 
ATOM   219 C CG  . PHE A 1 28 ? 14.503  18.090  -15.013 1.00 60.48  ? 28 PHE A CG  1 
ATOM   220 C CD1 . PHE A 1 28 ? 15.718  18.039  -15.700 1.00 61.41  ? 28 PHE A CD1 1 
ATOM   221 C CD2 . PHE A 1 28 ? 13.408  18.709  -15.618 1.00 63.64  ? 28 PHE A CD2 1 
ATOM   222 C CE1 . PHE A 1 28 ? 15.839  18.592  -16.961 1.00 61.91  ? 28 PHE A CE1 1 
ATOM   223 C CE2 . PHE A 1 28 ? 13.522  19.268  -16.881 1.00 68.88  ? 28 PHE A CE2 1 
ATOM   224 C CZ  . PHE A 1 28 ? 14.743  19.208  -17.557 1.00 66.83  ? 28 PHE A CZ  1 
ATOM   225 N N   . LEU A 1 29 ? 12.694  19.855  -12.241 1.00 47.52  ? 29 LEU A N   1 
ATOM   226 C CA  . LEU A 1 29 ? 11.843  21.008  -12.453 1.00 51.65  ? 29 LEU A CA  1 
ATOM   227 C C   . LEU A 1 29 ? 12.107  22.169  -11.498 1.00 54.45  ? 29 LEU A C   1 
ATOM   228 O O   . LEU A 1 29 ? 11.461  23.225  -11.598 1.00 51.60  ? 29 LEU A O   1 
ATOM   229 C CB  . LEU A 1 29 ? 10.374  20.594  -12.378 1.00 46.74  ? 29 LEU A CB  1 
ATOM   230 C CG  . LEU A 1 29 ? 9.929   19.722  -13.548 1.00 62.64  ? 29 LEU A CG  1 
ATOM   231 C CD1 . LEU A 1 29 ? 8.537   19.168  -13.242 1.00 72.03  ? 29 LEU A CD1 1 
ATOM   232 C CD2 . LEU A 1 29 ? 9.945   20.525  -14.846 1.00 46.91  ? 29 LEU A CD2 1 
ATOM   233 N N   . GLY A 1 30 ? 13.048  21.981  -10.576 1.00 56.77  ? 30 GLY A N   1 
ATOM   234 C CA  . GLY A 1 30 ? 13.360  23.045  -9.645  1.00 61.85  ? 30 GLY A CA  1 
ATOM   235 C C   . GLY A 1 30 ? 13.153  22.700  -8.188  1.00 64.57  ? 30 GLY A C   1 
ATOM   236 O O   . GLY A 1 30 ? 13.849  23.233  -7.333  1.00 73.21  ? 30 GLY A O   1 
ATOM   237 N N   . PHE A 1 31 ? 12.204  21.822  -7.889  1.00 58.70  ? 31 PHE A N   1 
ATOM   238 C CA  . PHE A 1 31 ? 11.951  21.440  -6.499  1.00 54.75  ? 31 PHE A CA  1 
ATOM   239 C C   . PHE A 1 31 ? 13.142  20.685  -5.886  1.00 56.23  ? 31 PHE A C   1 
ATOM   240 O O   . PHE A 1 31 ? 13.089  19.467  -5.692  1.00 47.24  ? 31 PHE A O   1 
ATOM   241 C CB  . PHE A 1 31 ? 10.704  20.563  -6.415  1.00 49.83  ? 31 PHE A CB  1 
ATOM   242 C CG  . PHE A 1 31 ? 9.498   21.150  -7.084  1.00 50.15  ? 31 PHE A CG  1 
ATOM   243 C CD1 . PHE A 1 31 ? 8.597   21.936  -6.363  1.00 48.88  ? 31 PHE A CD1 1 
ATOM   244 C CD2 . PHE A 1 31 ? 9.237   20.886  -8.441  1.00 48.41  ? 31 PHE A CD2 1 
ATOM   245 C CE1 . PHE A 1 31 ? 7.449   22.451  -6.977  1.00 54.67  ? 31 PHE A CE1 1 
ATOM   246 C CE2 . PHE A 1 31 ? 8.092   21.395  -9.069  1.00 42.39  ? 31 PHE A CE2 1 
ATOM   247 C CZ  . PHE A 1 31 ? 7.193   22.178  -8.337  1.00 52.51  ? 31 PHE A CZ  1 
ATOM   248 N N   . ASN A 1 32 ? 14.215  21.409  -5.575  1.00 56.55  ? 32 ASN A N   1 
ATOM   249 C CA  . ASN A 1 32 ? 15.395  20.779  -4.982  1.00 63.54  ? 32 ASN A CA  1 
ATOM   250 C C   . ASN A 1 32 ? 15.227  20.457  -3.499  1.00 56.65  ? 32 ASN A C   1 
ATOM   251 O O   . ASN A 1 32 ? 16.070  19.802  -2.882  1.00 51.88  ? 32 ASN A O   1 
ATOM   252 C CB  . ASN A 1 32 ? 16.615  21.643  -5.242  1.00 65.12  ? 32 ASN A CB  1 
ATOM   253 C CG  . ASN A 1 32 ? 17.028  21.589  -6.695  1.00 83.95  ? 32 ASN A CG  1 
ATOM   254 O OD1 . ASN A 1 32 ? 17.349  20.513  -7.221  1.00 81.24  ? 32 ASN A OD1 1 
ATOM   255 N ND2 . ASN A 1 32 ? 17.008  22.740  -7.364  1.00 87.79  ? 32 ASN A ND2 1 
ATOM   256 N N   . ASN A 1 33 ? 14.109  20.931  -2.948  1.00 48.15  ? 33 ASN A N   1 
ATOM   257 C CA  . ASN A 1 33 ? 13.714  20.665  -1.551  1.00 49.01  ? 33 ASN A CA  1 
ATOM   258 C C   . ASN A 1 33 ? 13.389  19.178  -1.404  1.00 48.47  ? 33 ASN A C   1 
ATOM   259 O O   . ASN A 1 33 ? 13.647  18.563  -0.313  1.00 49.04  ? 33 ASN A O   1 
ATOM   260 C CB  . ASN A 1 33 ? 12.429  21.441  -1.232  1.00 48.98  ? 33 ASN A CB  1 
ATOM   261 C CG  . ASN A 1 33 ? 12.735  22.725  -0.573  1.00 66.03  ? 33 ASN A CG  1 
ATOM   262 O OD1 . ASN A 1 33 ? 13.690  22.776  0.266   1.00 73.11  ? 33 ASN A OD1 1 
ATOM   263 N ND2 . ASN A 1 33 ? 11.977  23.795  -0.895  1.00 71.13  ? 33 ASN A ND2 1 
ATOM   264 N N   . VAL A 1 34 ? 12.798  18.612  -2.465  1.00 48.11  ? 34 VAL A N   1 
ATOM   265 C CA  . VAL A 1 34 ? 12.422  17.206  -2.454  1.00 48.40  ? 34 VAL A CA  1 
ATOM   266 C C   . VAL A 1 34 ? 13.674  16.372  -2.325  1.00 50.63  ? 34 VAL A C   1 
ATOM   267 O O   . VAL A 1 34 ? 14.563  16.400  -3.183  1.00 48.95  ? 34 VAL A O   1 
ATOM   268 C CB  . VAL A 1 34 ? 11.634  16.813  -3.722  1.00 50.14  ? 34 VAL A CB  1 
ATOM   269 C CG1 . VAL A 1 34 ? 11.211  15.344  -3.641  1.00 50.01  ? 34 VAL A CG1 1 
ATOM   270 C CG2 . VAL A 1 34 ? 10.400  17.712  -3.856  1.00 41.17  ? 34 VAL A CG2 1 
ATOM   271 N N   . LYS A 1 35 ? 13.743  15.631  -1.229  1.00 48.55  ? 35 LYS A N   1 
ATOM   272 C CA  . LYS A 1 35 ? 14.906  14.813  -0.964  1.00 55.43  ? 35 LYS A CA  1 
ATOM   273 C C   . LYS A 1 35 ? 14.721  13.329  -1.233  1.00 56.29  ? 35 LYS A C   1 
ATOM   274 O O   . LYS A 1 35 ? 15.691  12.619  -1.489  1.00 46.75  ? 35 LYS A O   1 
ATOM   275 C CB  . LYS A 1 35 ? 15.362  15.041  0.483   1.00 62.16  ? 35 LYS A CB  1 
ATOM   276 C CG  . LYS A 1 35 ? 16.038  16.394  0.686   1.00 62.07  ? 35 LYS A CG  1 
ATOM   277 C CD  . LYS A 1 35 ? 17.345  16.467  -0.099  1.00 75.66  ? 35 LYS A CD  1 
ATOM   278 C CE  . LYS A 1 35 ? 18.074  17.781  0.123   1.00 83.08  ? 35 LYS A CE  1 
ATOM   279 N NZ  . LYS A 1 35 ? 19.489  17.693  -0.329  1.00 85.27  ? 35 LYS A NZ  1 
ATOM   280 N N   . GLU A 1 36 ? 13.480  12.866  -1.187  1.00 49.89  ? 36 GLU A N   1 
ATOM   281 C CA  . GLU A 1 36 ? 13.211  11.460  -1.403  1.00 57.00  ? 36 GLU A CA  1 
ATOM   282 C C   . GLU A 1 36 ? 11.734  11.208  -1.676  1.00 50.98  ? 36 GLU A C   1 
ATOM   283 O O   . GLU A 1 36 ? 10.874  11.861  -1.091  1.00 42.50  ? 36 GLU A O   1 
ATOM   284 C CB  . GLU A 1 36 ? 13.654  10.693  -0.172  1.00 51.71  ? 36 GLU A CB  1 
ATOM   285 C CG  . GLU A 1 36 ? 13.387  9.220   -0.213  1.00 72.78  ? 36 GLU A CG  1 
ATOM   286 C CD  . GLU A 1 36 ? 13.963  8.540   1.000   1.00 81.43  ? 36 GLU A CD  1 
ATOM   287 O OE1 . GLU A 1 36 ? 15.163  8.758   1.272   1.00 86.37  ? 36 GLU A OE1 1 
ATOM   288 O OE2 . GLU A 1 36 ? 13.230  7.794   1.680   1.00 83.19  ? 36 GLU A OE2 1 
ATOM   289 N N   . VAL A 1 37 ? 11.442  10.275  -2.582  1.00 45.89  ? 37 VAL A N   1 
ATOM   290 C CA  . VAL A 1 37 ? 10.052  9.943   -2.892  1.00 45.08  ? 37 VAL A CA  1 
ATOM   291 C C   . VAL A 1 37 ? 9.816   8.437   -2.836  1.00 43.21  ? 37 VAL A C   1 
ATOM   292 O O   . VAL A 1 37 ? 10.686  7.661   -3.178  1.00 48.31  ? 37 VAL A O   1 
ATOM   293 C CB  . VAL A 1 37 ? 9.635   10.441  -4.278  1.00 39.63  ? 37 VAL A CB  1 
ATOM   294 C CG1 . VAL A 1 37 ? 8.233   9.915   -4.594  1.00 29.18  ? 37 VAL A CG1 1 
ATOM   295 C CG2 . VAL A 1 37 ? 9.694   11.972  -4.334  1.00 37.12  ? 37 VAL A CG2 1 
ATOM   296 N N   . GLN A 1 38 ? 8.639   8.032   -2.391  1.00 42.96  ? 38 GLN A N   1 
ATOM   297 C CA  . GLN A 1 38 ? 8.315   6.620   -2.310  1.00 40.31  ? 38 GLN A CA  1 
ATOM   298 C C   . GLN A 1 38 ? 6.870   6.507   -2.777  1.00 47.94  ? 38 GLN A C   1 
ATOM   299 O O   . GLN A 1 38 ? 6.106   7.446   -2.594  1.00 40.88  ? 38 GLN A O   1 
ATOM   300 C CB  . GLN A 1 38 ? 8.460   6.106   -0.868  1.00 46.32  ? 38 GLN A CB  1 
ATOM   301 C CG  . GLN A 1 38 ? 9.392   4.882   -0.720  1.00 71.36  ? 38 GLN A CG  1 
ATOM   302 C CD  . GLN A 1 38 ? 8.943   3.634   -1.532  1.00 86.35  ? 38 GLN A CD  1 
ATOM   303 O OE1 . GLN A 1 38 ? 8.862   3.668   -2.772  1.00 81.57  ? 38 GLN A OE1 1 
ATOM   304 N NE2 . GLN A 1 38 ? 8.661   2.531   -0.824  1.00 80.86  ? 38 GLN A NE2 1 
ATOM   305 N N   . THR A 1 39 ? 6.506   5.385   -3.395  1.00 39.85  ? 39 THR A N   1 
ATOM   306 C CA  . THR A 1 39 ? 5.146   5.195   -3.880  1.00 42.45  ? 39 THR A CA  1 
ATOM   307 C C   . THR A 1 39 ? 4.523   3.888   -3.414  1.00 47.42  ? 39 THR A C   1 
ATOM   308 O O   . THR A 1 39 ? 5.212   2.910   -3.158  1.00 41.23  ? 39 THR A O   1 
ATOM   309 C CB  . THR A 1 39 ? 5.077   5.294   -5.416  1.00 51.51  ? 39 THR A CB  1 
ATOM   310 O OG1 . THR A 1 39 ? 5.982   4.362   -6.002  1.00 41.59  ? 39 THR A OG1 1 
ATOM   311 C CG2 . THR A 1 39 ? 5.455   6.695   -5.870  1.00 43.66  ? 39 THR A CG2 1 
ATOM   312 N N   . TYR A 1 40 ? 3.198   3.893   -3.314  1.00 39.56  ? 40 TYR A N   1 
ATOM   313 C CA  . TYR A 1 40 ? 2.436   2.754   -2.817  1.00 42.58  ? 40 TYR A CA  1 
ATOM   314 C C   . TYR A 1 40 ? 1.127   2.656   -3.549  1.00 37.09  ? 40 TYR A C   1 
ATOM   315 O O   . TYR A 1 40 ? 0.631   3.625   -4.114  1.00 39.56  ? 40 TYR A O   1 
ATOM   316 C CB  . TYR A 1 40 ? 2.075   2.960   -1.343  1.00 50.04  ? 40 TYR A CB  1 
ATOM   317 C CG  . TYR A 1 40 ? 3.214   3.349   -0.464  1.00 63.97  ? 40 TYR A CG  1 
ATOM   318 C CD1 . TYR A 1 40 ? 4.068   2.378   0.052   1.00 79.91  ? 40 TYR A CD1 1 
ATOM   319 C CD2 . TYR A 1 40 ? 3.467   4.690   -0.165  1.00 66.37  ? 40 TYR A CD2 1 
ATOM   320 C CE1 . TYR A 1 40 ? 5.158   2.720   0.852   1.00 90.46  ? 40 TYR A CE1 1 
ATOM   321 C CE2 . TYR A 1 40 ? 4.560   5.054   0.638   1.00 82.53  ? 40 TYR A CE2 1 
ATOM   322 C CZ  . TYR A 1 40 ? 5.407   4.058   1.146   1.00 89.16  ? 40 TYR A CZ  1 
ATOM   323 O OH  . TYR A 1 40 ? 6.506   4.366   1.933   1.00 91.23  ? 40 TYR A OH  1 
ATOM   324 N N   . LYS A 1 41 ? 0.544   1.479   -3.502  1.00 38.80  ? 41 LYS A N   1 
ATOM   325 C CA  . LYS A 1 41 ? -0.744  1.306   -4.115  1.00 40.23  ? 41 LYS A CA  1 
ATOM   326 C C   . LYS A 1 41 ? -1.697  1.242   -2.921  1.00 40.94  ? 41 LYS A C   1 
ATOM   327 O O   . LYS A 1 41 ? -1.455  0.533   -1.944  1.00 37.82  ? 41 LYS A O   1 
ATOM   328 C CB  . LYS A 1 41 ? -0.806  0.011   -4.937  1.00 45.44  ? 41 LYS A CB  1 
ATOM   329 C CG  . LYS A 1 41 ? -2.000  -0.069  -5.903  1.00 56.61  ? 41 LYS A CG  1 
ATOM   330 C CD  . LYS A 1 41 ? -1.920  1.085   -6.912  1.00 77.60  ? 41 LYS A CD  1 
ATOM   331 C CE  . LYS A 1 41 ? -3.115  1.176   -7.855  1.00 70.20  ? 41 LYS A CE  1 
ATOM   332 N NZ  . LYS A 1 41 ? -3.132  2.542   -8.484  1.00 69.59  ? 41 LYS A NZ  1 
ATOM   333 N N   . MET A 1 42 ? -2.753  2.023   -2.976  1.00 42.98  ? 42 MET A N   1 
ATOM   334 C CA  . MET A 1 42 ? -3.709  1.980   -1.907  1.00 47.32  ? 42 MET A CA  1 
ATOM   335 C C   . MET A 1 42 ? -4.959  1.299   -2.443  1.00 45.72  ? 42 MET A C   1 
ATOM   336 O O   . MET A 1 42 ? -5.452  1.648   -3.501  1.00 41.38  ? 42 MET A O   1 
ATOM   337 C CB  . MET A 1 42 ? -4.023  3.385   -1.403  1.00 43.31  ? 42 MET A CB  1 
ATOM   338 C CG  . MET A 1 42 ? -4.979  3.374   -0.206  1.00 69.51  ? 42 MET A CG  1 
ATOM   339 S SD  . MET A 1 42 ? -5.018  4.902   0.801   1.00 74.61  ? 42 MET A SD  1 
ATOM   340 C CE  . MET A 1 42 ? -6.520  5.729   0.123   1.00 59.42  ? 42 MET A CE  1 
ATOM   341 N N   . ILE A 1 43 ? -5.440  0.298   -1.718  1.00 44.95  ? 43 ILE A N   1 
ATOM   342 C CA  . ILE A 1 43 ? -6.642  -0.434  -2.104  1.00 42.06  ? 43 ILE A CA  1 
ATOM   343 C C   . ILE A 1 43 ? -7.698  -0.404  -0.979  1.00 44.81  ? 43 ILE A C   1 
ATOM   344 O O   . ILE A 1 43 ? -7.498  -1.007  0.094   1.00 38.61  ? 43 ILE A O   1 
ATOM   345 C CB  . ILE A 1 43 ? -6.315  -1.909  -2.427  1.00 36.98  ? 43 ILE A CB  1 
ATOM   346 C CG1 . ILE A 1 43 ? -5.331  -1.985  -3.595  1.00 44.31  ? 43 ILE A CG1 1 
ATOM   347 C CG2 . ILE A 1 43 ? -7.585  -2.662  -2.755  1.00 37.56  ? 43 ILE A CG2 1 
ATOM   348 C CD1 . ILE A 1 43 ? -4.726  -3.371  -3.828  1.00 41.32  ? 43 ILE A CD1 1 
ATOM   349 N N   . ASP A 1 44 ? -8.805  0.299   -1.239  1.00 38.20  ? 44 ASP A N   1 
ATOM   350 C CA  . ASP A 1 44 ? -9.904  0.395   -0.294  1.00 35.46  ? 44 ASP A CA  1 
ATOM   351 C C   . ASP A 1 44 ? -10.963 -0.656  -0.551  1.00 42.73  ? 44 ASP A C   1 
ATOM   352 O O   . ASP A 1 44 ? -11.642 -0.641  -1.574  1.00 42.69  ? 44 ASP A O   1 
ATOM   353 C CB  . ASP A 1 44 ? -10.545 1.766   -0.348  1.00 38.63  ? 44 ASP A CB  1 
ATOM   354 C CG  . ASP A 1 44 ? -9.762  2.792   0.444   1.00 49.07  ? 44 ASP A CG  1 
ATOM   355 O OD1 . ASP A 1 44 ? -8.679  2.432   0.962   1.00 45.99  ? 44 ASP A OD1 1 
ATOM   356 O OD2 . ASP A 1 44 ? -10.225 3.950   0.544   1.00 43.80  ? 44 ASP A OD2 1 
ATOM   357 N N   . ILE A 1 45 ? -11.114 -1.587  0.375   1.00 46.31  ? 45 ILE A N   1 
ATOM   358 C CA  . ILE A 1 45 ? -12.109 -2.614  0.171   1.00 40.92  ? 45 ILE A CA  1 
ATOM   359 C C   . ILE A 1 45 ? -13.301 -2.396  1.090   1.00 45.57  ? 45 ILE A C   1 
ATOM   360 O O   . ILE A 1 45 ? -13.161 -2.414  2.312   1.00 43.06  ? 45 ILE A O   1 
ATOM   361 C CB  . ILE A 1 45 ? -11.510 -3.982  0.426   1.00 43.75  ? 45 ILE A CB  1 
ATOM   362 C CG1 . ILE A 1 45 ? -10.279 -4.172  -0.487  1.00 39.33  ? 45 ILE A CG1 1 
ATOM   363 C CG2 . ILE A 1 45 ? -12.587 -5.052  0.211   1.00 40.30  ? 45 ILE A CG2 1 
ATOM   364 C CD1 . ILE A 1 45 ? -9.422  -5.391  -0.165  1.00 38.14  ? 45 ILE A CD1 1 
ATOM   365 N N   . ILE A 1 46 ? -14.464 -2.151  0.494   1.00 41.07  ? 46 ILE A N   1 
ATOM   366 C CA  . ILE A 1 46 ? -15.695 -1.975  1.258   1.00 43.16  ? 46 ILE A CA  1 
ATOM   367 C C   . ILE A 1 46 ? -16.412 -3.326  1.301   1.00 51.33  ? 46 ILE A C   1 
ATOM   368 O O   . ILE A 1 46 ? -16.821 -3.883  0.265   1.00 45.11  ? 46 ILE A O   1 
ATOM   369 C CB  . ILE A 1 46 ? -16.577 -0.892  0.642   1.00 48.89  ? 46 ILE A CB  1 
ATOM   370 C CG1 . ILE A 1 46 ? -15.834 0.447   0.736   1.00 49.45  ? 46 ILE A CG1 1 
ATOM   371 C CG2 . ILE A 1 46 ? -17.930 -0.841  1.356   1.00 44.74  ? 46 ILE A CG2 1 
ATOM   372 C CD1 . ILE A 1 46 ? -16.514 1.574   0.027   1.00 68.46  ? 46 ILE A CD1 1 
ATOM   373 N N   . MET A 1 47 ? -16.564 -3.843  2.523   1.00 46.94  ? 47 MET A N   1 
ATOM   374 C CA  . MET A 1 47 ? -17.137 -5.177  2.703   1.00 56.89  ? 47 MET A CA  1 
ATOM   375 C C   . MET A 1 47 ? -18.010 -5.401  3.949   1.00 59.34  ? 47 MET A C   1 
ATOM   376 O O   . MET A 1 47 ? -17.996 -4.608  4.909   1.00 59.85  ? 47 MET A O   1 
ATOM   377 C CB  . MET A 1 47 ? -15.965 -6.163  2.734   1.00 41.57  ? 47 MET A CB  1 
ATOM   378 C CG  . MET A 1 47 ? -14.855 -5.651  3.690   1.00 46.35  ? 47 MET A CG  1 
ATOM   379 S SD  . MET A 1 47 ? -13.330 -6.641  3.812   1.00 47.57  ? 47 MET A SD  1 
ATOM   380 C CE  . MET A 1 47 ? -14.021 -8.340  3.758   1.00 50.76  ? 47 MET A CE  1 
ATOM   381 N N   . GLU A 1 48 ? -18.741 -6.518  3.924   1.00 68.24  ? 48 GLU A N   1 
ATOM   382 C CA  . GLU A 1 48 ? -19.607 -6.931  5.024   1.00 63.17  ? 48 GLU A CA  1 
ATOM   383 C C   . GLU A 1 48 ? -18.924 -8.025  5.843   1.00 69.42  ? 48 GLU A C   1 
ATOM   384 O O   . GLU A 1 48 ? -18.626 -7.837  7.033   1.00 59.30  ? 48 GLU A O   1 
ATOM   385 C CB  . GLU A 1 48 ? -20.945 -7.434  4.475   1.00 64.11  ? 48 GLU A CB  1 
ATOM   386 C CG  . GLU A 1 48 ? -21.706 -6.349  3.702   1.00 74.09  ? 48 GLU A CG  1 
ATOM   387 C CD  . GLU A 1 48 ? -23.142 -6.722  3.362   1.00 80.10  ? 48 GLU A CD  1 
ATOM   388 O OE1 . GLU A 1 48 ? -23.370 -7.800  2.744   1.00 87.94  ? 48 GLU A OE1 1 
ATOM   389 O OE2 . GLU A 1 48 ? -24.048 -5.922  3.714   1.00 88.01  ? 48 GLU A OE2 1 
ATOM   390 N N   . GLU A 1 50 ? -18.807 -9.292  10.430  1.00 62.25  ? 50 GLU A N   1 
ATOM   391 C CA  . GLU A 1 50 ? -18.716 -9.806  11.852  1.00 66.21  ? 50 GLU A CA  1 
ATOM   392 C C   . GLU A 1 50 ? -18.152 -8.755  12.821  1.00 64.60  ? 50 GLU A C   1 
ATOM   393 O O   . GLU A 1 50 ? -18.879 -8.244  13.690  1.00 68.96  ? 50 GLU A O   1 
ATOM   394 C CB  . GLU A 1 50 ? -17.856 -11.063 11.950  1.00 67.62  ? 50 GLU A CB  1 
ATOM   395 C CG  . GLU A 1 50 ? -18.735 -12.353 12.159  1.00 76.95  ? 50 GLU A CG  1 
ATOM   396 C CD  . GLU A 1 50 ? -17.951 -13.550 12.792  1.00 88.41  ? 50 GLU A CD  1 
ATOM   397 O OE1 . GLU A 1 50 ? -17.389 -13.443 13.898  1.00 90.72  ? 50 GLU A OE1 1 
ATOM   398 O OE2 . GLU A 1 50 ? -17.940 -14.675 12.136  1.00 95.94  ? 50 GLU A OE2 1 
ATOM   399 N N   . ASN A 1 51 ? -16.866 -8.427  12.634  1.00 65.69  ? 51 ASN A N   1 
ATOM   400 C CA  . ASN A 1 51 ? -16.168 -7.403  13.428  1.00 68.24  ? 51 ASN A CA  1 
ATOM   401 C C   . ASN A 1 51 ? -14.829 -7.119  12.745  1.00 68.03  ? 51 ASN A C   1 
ATOM   402 O O   . ASN A 1 51 ? -14.377 -7.924  11.924  1.00 57.31  ? 51 ASN A O   1 
ATOM   403 C CB  . ASN A 1 51 ? -15.915 -7.867  14.862  1.00 69.86  ? 51 ASN A CB  1 
ATOM   404 C CG  . ASN A 1 51 ? -14.983 -9.049  14.925  1.00 76.00  ? 51 ASN A CG  1 
ATOM   405 O OD1 . ASN A 1 51 ? -15.384 -10.190 14.680  1.00 77.24  ? 51 ASN A OD1 1 
ATOM   406 N ND2 . ASN A 1 51 ? -13.722 -8.782  15.231  1.00 69.55  ? 51 ASN A ND2 1 
ATOM   407 N N   . GLU A 1 52 ? -14.182 -6.003  13.091  1.00 65.87  ? 52 GLU A N   1 
ATOM   408 C CA  . GLU A 1 52 ? -12.914 -5.653  12.444  1.00 70.88  ? 52 GLU A CA  1 
ATOM   409 C C   . GLU A 1 52 ? -11.773 -6.662  12.469  1.00 71.69  ? 52 GLU A C   1 
ATOM   410 O O   . GLU A 1 52 ? -11.030 -6.770  11.490  1.00 71.06  ? 52 GLU A O   1 
ATOM   411 C CB  . GLU A 1 52 ? -12.381 -4.302  12.934  1.00 65.58  ? 52 GLU A CB  1 
ATOM   412 C CG  . GLU A 1 52 ? -12.777 -3.899  14.311  1.00 78.55  ? 52 GLU A CG  1 
ATOM   413 C CD  . GLU A 1 52 ? -13.698 -2.715  14.278  1.00 79.87  ? 52 GLU A CD  1 
ATOM   414 O OE1 . GLU A 1 52 ? -14.920 -2.939  14.204  1.00 85.41  ? 52 GLU A OE1 1 
ATOM   415 O OE2 . GLU A 1 52 ? -13.198 -1.565  14.304  1.00 83.72  ? 52 GLU A OE2 1 
ATOM   416 N N   . GLU A 1 53 ? -11.606 -7.399  13.558  1.00 69.28  ? 53 GLU A N   1 
ATOM   417 C CA  . GLU A 1 53 ? -10.514 -8.357  13.579  1.00 68.35  ? 53 GLU A CA  1 
ATOM   418 C C   . GLU A 1 53 ? -10.792 -9.472  12.582  1.00 65.95  ? 53 GLU A C   1 
ATOM   419 O O   . GLU A 1 53 ? -9.873  -9.966  11.927  1.00 64.75  ? 53 GLU A O   1 
ATOM   420 C CB  . GLU A 1 53 ? -10.308 -8.940  14.982  1.00 68.01  ? 53 GLU A CB  1 
ATOM   421 C CG  . GLU A 1 53 ? -9.219  -10.017 15.063  1.00 78.01  ? 53 GLU A CG  1 
ATOM   422 C CD  . GLU A 1 53 ? -7.887  -9.580  14.442  1.00 92.95  ? 53 GLU A CD  1 
ATOM   423 O OE1 . GLU A 1 53 ? -7.413  -8.464  14.750  1.00 96.13  ? 53 GLU A OE1 1 
ATOM   424 O OE2 . GLU A 1 53 ? -7.306  -10.358 13.650  1.00 91.36  ? 53 GLU A OE2 1 
ATOM   425 N N   . LYS A 1 54 ? -12.059 -9.861  12.450  1.00 58.54  ? 54 LYS A N   1 
ATOM   426 C CA  . LYS A 1 54 ? -12.395 -10.929 11.528  1.00 61.61  ? 54 LYS A CA  1 
ATOM   427 C C   . LYS A 1 54 ? -12.297 -10.471 10.087  1.00 60.57  ? 54 LYS A C   1 
ATOM   428 O O   . LYS A 1 54 ? -12.035 -11.275 9.195   1.00 57.92  ? 54 LYS A O   1 
ATOM   429 C CB  . LYS A 1 54 ? -13.792 -11.493 11.821  1.00 69.42  ? 54 LYS A CB  1 
ATOM   430 C CG  . LYS A 1 54 ? -13.783 -12.693 12.772  1.00 81.24  ? 54 LYS A CG  1 
ATOM   431 C CD  . LYS A 1 54 ? -14.802 -13.734 12.334  1.00 89.32  ? 54 LYS A CD  1 
ATOM   432 C CE  . LYS A 1 54 ? -14.506 -15.114 12.911  1.00 96.70  ? 54 LYS A CE  1 
ATOM   433 N NZ  . LYS A 1 54 ? -15.441 -16.147 12.365  1.00 95.24  ? 54 LYS A NZ  1 
ATOM   434 N N   . VAL A 1 55 ? -12.503 -9.175  9.870   1.00 56.65  ? 55 VAL A N   1 
ATOM   435 C CA  . VAL A 1 55 ? -12.426 -8.598  8.531   1.00 58.49  ? 55 VAL A CA  1 
ATOM   436 C C   . VAL A 1 55 ? -10.960 -8.617  8.108   1.00 57.13  ? 55 VAL A C   1 
ATOM   437 O O   . VAL A 1 55 ? -10.620 -9.073  7.006   1.00 45.44  ? 55 VAL A O   1 
ATOM   438 C CB  . VAL A 1 55 ? -12.933 -7.136  8.510   1.00 59.43  ? 55 VAL A CB  1 
ATOM   439 C CG1 . VAL A 1 55 ? -12.951 -6.616  7.089   1.00 59.44  ? 55 VAL A CG1 1 
ATOM   440 C CG2 . VAL A 1 55 ? -14.319 -7.053  9.105   1.00 59.68  ? 55 VAL A CG2 1 
ATOM   441 N N   . LYS A 1 56 ? -10.107 -8.122  9.007   1.00 54.89  ? 56 LYS A N   1 
ATOM   442 C CA  . LYS A 1 56 ? -8.668  -8.073  8.797   1.00 61.63  ? 56 LYS A CA  1 
ATOM   443 C C   . LYS A 1 56 ? -8.172  -9.472  8.423   1.00 63.85  ? 56 LYS A C   1 
ATOM   444 O O   . LYS A 1 56 ? -7.299  -9.632  7.567   1.00 66.98  ? 56 LYS A O   1 
ATOM   445 C CB  . LYS A 1 56 ? -7.960  -7.568  10.066  1.00 54.69  ? 56 LYS A CB  1 
ATOM   446 C CG  . LYS A 1 56 ? -6.427  -7.435  9.963   1.00 68.58  ? 56 LYS A CG  1 
ATOM   447 C CD  . LYS A 1 56 ? -5.836  -6.909  11.283  1.00 79.17  ? 56 LYS A CD  1 
ATOM   448 C CE  . LYS A 1 56 ? -4.301  -6.916  11.319  1.00 86.95  ? 56 LYS A CE  1 
ATOM   449 N NZ  . LYS A 1 56 ? -3.671  -5.656  10.840  1.00 88.51  ? 56 LYS A NZ  1 
ATOM   450 N N   . GLU A 1 57 ? -8.742  -10.489 9.052   1.00 62.53  ? 57 GLU A N   1 
ATOM   451 C CA  . GLU A 1 57 ? -8.340  -11.849 8.742   1.00 63.18  ? 57 GLU A CA  1 
ATOM   452 C C   . GLU A 1 57 ? -8.723  -12.164 7.308   1.00 55.91  ? 57 GLU A C   1 
ATOM   453 O O   . GLU A 1 57 ? -7.963  -12.754 6.561   1.00 49.67  ? 57 GLU A O   1 
ATOM   454 C CB  . GLU A 1 57 ? -9.028  -12.847 9.681   1.00 69.56  ? 57 GLU A CB  1 
ATOM   455 C CG  . GLU A 1 57 ? -8.485  -12.840 11.096  1.00 82.62  ? 57 GLU A CG  1 
ATOM   456 C CD  . GLU A 1 57 ? -9.113  -13.913 11.963  1.00 89.88  ? 57 GLU A CD  1 
ATOM   457 O OE1 . GLU A 1 57 ? -10.330 -13.838 12.238  1.00 94.28  ? 57 GLU A OE1 1 
ATOM   458 O OE2 . GLU A 1 57 ? -8.383  -14.839 12.368  1.00 101.11 ? 57 GLU A OE2 1 
ATOM   459 N N   . GLU A 1 58 ? -9.914  -11.751 6.924   1.00 42.37  ? 58 GLU A N   1 
ATOM   460 C CA  . GLU A 1 58 ? -10.371 -12.046 5.590   1.00 52.65  ? 58 GLU A CA  1 
ATOM   461 C C   . GLU A 1 58 ? -9.546  -11.364 4.487   1.00 54.63  ? 58 GLU A C   1 
ATOM   462 O O   . GLU A 1 58 ? -9.155  -12.010 3.514   1.00 46.71  ? 58 GLU A O   1 
ATOM   463 C CB  . GLU A 1 58 ? -11.849 -11.683 5.466   1.00 40.75  ? 58 GLU A CB  1 
ATOM   464 C CG  . GLU A 1 58 ? -12.583 -12.493 4.404   1.00 49.37  ? 58 GLU A CG  1 
ATOM   465 C CD  . GLU A 1 58 ? -14.006 -12.020 4.181   1.00 60.58  ? 58 GLU A CD  1 
ATOM   466 O OE1 . GLU A 1 58 ? -14.731 -11.775 5.178   1.00 71.80  ? 58 GLU A OE1 1 
ATOM   467 O OE2 . GLU A 1 58 ? -14.407 -11.903 3.000   1.00 64.23  ? 58 GLU A OE2 1 
ATOM   468 N N   . VAL A 1 59 ? -9.278  -10.071 4.643   1.00 47.14  ? 59 VAL A N   1 
ATOM   469 C CA  . VAL A 1 59 ? -8.518  -9.347  3.637   1.00 57.61  ? 59 VAL A CA  1 
ATOM   470 C C   . VAL A 1 59 ? -7.105  -9.907  3.645   1.00 56.13  ? 59 VAL A C   1 
ATOM   471 O O   . VAL A 1 59 ? -6.422  -9.939  2.621   1.00 47.38  ? 59 VAL A O   1 
ATOM   472 C CB  . VAL A 1 59 ? -8.534  -7.798  3.900   1.00 51.20  ? 59 VAL A CB  1 
ATOM   473 C CG1 . VAL A 1 59 ? -9.966  -7.293  3.866   1.00 44.00  ? 59 VAL A CG1 1 
ATOM   474 C CG2 . VAL A 1 59 ? -7.927  -7.469  5.242   1.00 54.54  ? 59 VAL A CG2 1 
ATOM   475 N N   . GLU A 1 60 ? -6.698  -10.391 4.812   1.00 56.54  ? 60 GLU A N   1 
ATOM   476 C CA  . GLU A 1 60 ? -5.382  -10.980 4.979   1.00 55.52  ? 60 GLU A CA  1 
ATOM   477 C C   . GLU A 1 60 ? -5.295  -12.114 3.981   1.00 57.85  ? 60 GLU A C   1 
ATOM   478 O O   . GLU A 1 60 ? -4.290  -12.253 3.284   1.00 56.84  ? 60 GLU A O   1 
ATOM   479 C CB  . GLU A 1 60 ? -5.228  -11.513 6.394   1.00 56.69  ? 60 GLU A CB  1 
ATOM   480 C CG  . GLU A 1 60 ? -3.998  -11.001 7.104   1.00 68.80  ? 60 GLU A CG  1 
ATOM   481 C CD  . GLU A 1 60 ? -4.209  -10.896 8.602   1.00 83.43  ? 60 GLU A CD  1 
ATOM   482 O OE1 . GLU A 1 60 ? -4.678  -11.888 9.213   1.00 83.18  ? 60 GLU A OE1 1 
ATOM   483 O OE2 . GLU A 1 60 ? -3.906  -9.820  9.165   1.00 83.07  ? 60 GLU A OE2 1 
ATOM   484 N N   . GLU A 1 61 ? -6.361  -12.914 3.912   1.00 49.71  ? 61 GLU A N   1 
ATOM   485 C CA  . GLU A 1 61 ? -6.432  -14.015 2.972   1.00 46.53  ? 61 GLU A CA  1 
ATOM   486 C C   . GLU A 1 61 ? -6.456  -13.523 1.521   1.00 47.55  ? 61 GLU A C   1 
ATOM   487 O O   . GLU A 1 61 ? -5.810  -14.107 0.650   1.00 44.62  ? 61 GLU A O   1 
ATOM   488 C CB  . GLU A 1 61 ? -7.677  -14.845 3.238   1.00 51.15  ? 61 GLU A CB  1 
ATOM   489 C CG  . GLU A 1 61 ? -7.468  -15.899 4.262   1.00 71.93  ? 61 GLU A CG  1 
ATOM   490 C CD  . GLU A 1 61 ? -6.442  -16.899 3.808   1.00 82.37  ? 61 GLU A CD  1 
ATOM   491 O OE1 . GLU A 1 61 ? -6.676  -17.516 2.739   1.00 77.12  ? 61 GLU A OE1 1 
ATOM   492 O OE2 . GLU A 1 61 ? -5.412  -17.057 4.511   1.00 82.77  ? 61 GLU A OE2 1 
ATOM   493 N N   . MET A 1 62 ? -7.217  -12.462 1.257   1.00 42.27  ? 62 MET A N   1 
ATOM   494 C CA  . MET A 1 62 ? -7.303  -11.890 -0.091  1.00 48.57  ? 62 MET A CA  1 
ATOM   495 C C   . MET A 1 62 ? -5.904  -11.535 -0.588  1.00 46.03  ? 62 MET A C   1 
ATOM   496 O O   . MET A 1 62 ? -5.551  -11.806 -1.730  1.00 44.73  ? 62 MET A O   1 
ATOM   497 C CB  . MET A 1 62 ? -8.166  -10.632 -0.077  1.00 38.89  ? 62 MET A CB  1 
ATOM   498 C CG  . MET A 1 62 ? -9.627  -10.879 0.255   1.00 43.92  ? 62 MET A CG  1 
ATOM   499 S SD  . MET A 1 62 ? -10.493 -9.305  0.492   1.00 58.42  ? 62 MET A SD  1 
ATOM   500 C CE  . MET A 1 62 ? -11.633 -9.677  1.870   1.00 50.32  ? 62 MET A CE  1 
ATOM   501 N N   . CYS A 1 63 ? -5.124  -10.929 0.299   1.00 41.63  ? 63 CYS A N   1 
ATOM   502 C CA  . CYS A 1 63 ? -3.759  -10.527 0.019   1.00 48.10  ? 63 CYS A CA  1 
ATOM   503 C C   . CYS A 1 63 ? -2.933  -11.762 -0.266  1.00 54.52  ? 63 CYS A C   1 
ATOM   504 O O   . CYS A 1 63 ? -2.258  -11.856 -1.295  1.00 50.23  ? 63 CYS A O   1 
ATOM   505 C CB  . CYS A 1 63 ? -3.141  -9.815  1.242   1.00 46.20  ? 63 CYS A CB  1 
ATOM   506 S SG  . CYS A 1 63 ? -3.631  -8.104  1.522   1.00 47.72  ? 63 CYS A SG  1 
ATOM   507 N N   . LYS A 1 64 ? -2.999  -12.699 0.677   1.00 60.25  ? 64 LYS A N   1 
ATOM   508 C CA  . LYS A 1 64 ? -2.248  -13.938 0.608   1.00 64.73  ? 64 LYS A CA  1 
ATOM   509 C C   . LYS A 1 64 ? -2.472  -14.698 -0.659  1.00 58.55  ? 64 LYS A C   1 
ATOM   510 O O   . LYS A 1 64 ? -1.530  -15.265 -1.188  1.00 62.73  ? 64 LYS A O   1 
ATOM   511 C CB  . LYS A 1 64 ? -2.569  -14.858 1.787   1.00 75.66  ? 64 LYS A CB  1 
ATOM   512 C CG  . LYS A 1 64 ? -1.733  -16.141 1.792   1.00 90.82  ? 64 LYS A CG  1 
ATOM   513 C CD  . LYS A 1 64 ? -2.205  -17.142 2.841   1.00 101.41 ? 64 LYS A CD  1 
ATOM   514 C CE  . LYS A 1 64 ? -2.185  -16.545 4.242   1.00 108.08 ? 64 LYS A CE  1 
ATOM   515 N NZ  . LYS A 1 64 ? -0.819  -16.123 4.650   1.00 111.87 ? 64 LYS A NZ  1 
ATOM   516 N N   . LYS A 1 65 ? -3.699  -14.722 -1.160  1.00 49.60  ? 65 LYS A N   1 
ATOM   517 C CA  . LYS A 1 65 ? -3.926  -15.472 -2.380  1.00 53.24  ? 65 LYS A CA  1 
ATOM   518 C C   . LYS A 1 65 ? -4.257  -14.699 -3.667  1.00 53.99  ? 65 LYS A C   1 
ATOM   519 O O   . LYS A 1 65 ? -4.574  -15.313 -4.684  1.00 54.69  ? 65 LYS A O   1 
ATOM   520 C CB  . LYS A 1 65 ? -4.972  -16.559 -2.134  1.00 62.41  ? 65 LYS A CB  1 
ATOM   521 C CG  . LYS A 1 65 ? -6.334  -16.054 -1.749  1.00 66.48  ? 65 LYS A CG  1 
ATOM   522 C CD  . LYS A 1 65 ? -7.346  -17.215 -1.694  1.00 83.50  ? 65 LYS A CD  1 
ATOM   523 C CE  . LYS A 1 65 ? -6.931  -18.333 -0.728  1.00 84.04  ? 65 LYS A CE  1 
ATOM   524 N NZ  . LYS A 1 65 ? -7.940  -19.431 -0.710  1.00 90.44  ? 65 LYS A NZ  1 
ATOM   525 N N   . LEU A 1 66 ? -4.174  -13.369 -3.644  1.00 41.84  ? 66 LEU A N   1 
ATOM   526 C CA  . LEU A 1 66 ? -4.447  -12.605 -4.860  1.00 48.85  ? 66 LEU A CA  1 
ATOM   527 C C   . LEU A 1 66 ? -3.774  -11.254 -4.935  1.00 47.53  ? 66 LEU A C   1 
ATOM   528 O O   . LEU A 1 66 ? -2.909  -11.027 -5.773  1.00 51.05  ? 66 LEU A O   1 
ATOM   529 C CB  . LEU A 1 66 ? -5.950  -12.391 -5.066  1.00 42.23  ? 66 LEU A CB  1 
ATOM   530 C CG  . LEU A 1 66 ? -6.269  -11.717 -6.406  1.00 49.72  ? 66 LEU A CG  1 
ATOM   531 C CD1 . LEU A 1 66 ? -5.795  -12.630 -7.535  1.00 44.97  ? 66 LEU A CD1 1 
ATOM   532 C CD2 . LEU A 1 66 ? -7.745  -11.435 -6.544  1.00 40.32  ? 66 LEU A CD2 1 
ATOM   533 N N   . LEU A 1 67 ? -4.188  -10.365 -4.044  1.00 51.93  ? 67 LEU A N   1 
ATOM   534 C CA  . LEU A 1 67 ? -3.703  -8.994  -3.991  1.00 49.69  ? 67 LEU A CA  1 
ATOM   535 C C   . LEU A 1 67 ? -2.207  -8.735  -3.961  1.00 44.66  ? 67 LEU A C   1 
ATOM   536 O O   . LEU A 1 67 ? -1.721  -7.812  -4.623  1.00 39.37  ? 67 LEU A O   1 
ATOM   537 C CB  . LEU A 1 67 ? -4.376  -8.280  -2.822  1.00 46.08  ? 67 LEU A CB  1 
ATOM   538 C CG  . LEU A 1 67 ? -5.887  -8.466  -2.947  1.00 52.91  ? 67 LEU A CG  1 
ATOM   539 C CD1 . LEU A 1 67 ? -6.588  -7.817  -1.777  1.00 51.19  ? 67 LEU A CD1 1 
ATOM   540 C CD2 . LEU A 1 67 ? -6.359  -7.888  -4.280  1.00 45.74  ? 67 LEU A CD2 1 
ATOM   541 N N   . ALA A 1 68 ? -1.457  -9.527  -3.217  1.00 37.83  ? 68 ALA A N   1 
ATOM   542 C CA  . ALA A 1 68 ? -0.028  -9.264  -3.168  1.00 46.86  ? 68 ALA A CA  1 
ATOM   543 C C   . ALA A 1 68 ? 0.828   -10.509 -3.253  1.00 47.92  ? 68 ALA A C   1 
ATOM   544 O O   . ALA A 1 68 ? 0.403   -11.600 -2.855  1.00 55.21  ? 68 ALA A O   1 
ATOM   545 C CB  . ALA A 1 68 ? 0.314   -8.480  -1.897  1.00 39.64  ? 68 ALA A CB  1 
ATOM   546 N N   . ASN A 1 69 ? 2.031   -10.333 -3.793  1.00 48.54  ? 69 ASN A N   1 
ATOM   547 C CA  . ASN A 1 69 ? 2.987   -11.418 -3.922  1.00 49.18  ? 69 ASN A CA  1 
ATOM   548 C C   . ASN A 1 69 ? 4.076   -11.180 -2.895  1.00 44.32  ? 69 ASN A C   1 
ATOM   549 O O   . ASN A 1 69 ? 4.904   -10.304 -3.067  1.00 44.20  ? 69 ASN A O   1 
ATOM   550 C CB  . ASN A 1 69 ? 3.618   -11.443 -5.314  1.00 52.67  ? 69 ASN A CB  1 
ATOM   551 C CG  . ASN A 1 69 ? 4.506   -12.660 -5.519  1.00 56.52  ? 69 ASN A CG  1 
ATOM   552 O OD1 . ASN A 1 69 ? 4.913   -13.314 -4.552  1.00 46.47  ? 69 ASN A OD1 1 
ATOM   553 N ND2 . ASN A 1 69 ? 4.817   -12.968 -6.779  1.00 55.35  ? 69 ASN A ND2 1 
ATOM   554 N N   . PRO A 1 70 ? 4.101   -11.987 -1.825  1.00 52.06  ? 70 PRO A N   1 
ATOM   555 C CA  . PRO A 1 70 ? 5.085   -11.885 -0.738  1.00 52.76  ? 70 PRO A CA  1 
ATOM   556 C C   . PRO A 1 70 ? 6.545   -11.811 -1.184  1.00 55.95  ? 70 PRO A C   1 
ATOM   557 O O   . PRO A 1 70 ? 7.372   -11.175 -0.518  1.00 51.88  ? 70 PRO A O   1 
ATOM   558 C CB  . PRO A 1 70 ? 4.808   -13.127 0.102   1.00 55.50  ? 70 PRO A CB  1 
ATOM   559 C CG  . PRO A 1 70 ? 4.310   -14.107 -0.940  1.00 54.17  ? 70 PRO A CG  1 
ATOM   560 C CD  . PRO A 1 70 ? 3.359   -13.255 -1.740  1.00 48.88  ? 70 PRO A CD  1 
ATOM   561 N N   . VAL A 1 71 ? 6.868   -12.452 -2.305  1.00 55.79  ? 71 VAL A N   1 
ATOM   562 C CA  . VAL A 1 71 ? 8.243   -12.429 -2.789  1.00 54.30  ? 71 VAL A CA  1 
ATOM   563 C C   . VAL A 1 71 ? 8.722   -11.011 -3.106  1.00 56.34  ? 71 VAL A C   1 
ATOM   564 O O   . VAL A 1 71 ? 9.841   -10.642 -2.760  1.00 58.68  ? 71 VAL A O   1 
ATOM   565 C CB  . VAL A 1 71 ? 8.393   -13.304 -4.031  1.00 57.90  ? 71 VAL A CB  1 
ATOM   566 C CG1 . VAL A 1 71 ? 9.815   -13.190 -4.590  1.00 62.69  ? 71 VAL A CG1 1 
ATOM   567 C CG2 . VAL A 1 71 ? 8.087   -14.739 -3.674  1.00 56.85  ? 71 VAL A CG2 1 
ATOM   568 N N   . ILE A 1 72 ? 7.859   -10.219 -3.741  1.00 52.57  ? 72 ILE A N   1 
ATOM   569 C CA  . ILE A 1 72 ? 8.186   -8.838  -4.135  1.00 53.26  ? 72 ILE A CA  1 
ATOM   570 C C   . ILE A 1 72 ? 7.377   -7.765  -3.403  1.00 56.83  ? 72 ILE A C   1 
ATOM   571 O O   . ILE A 1 72 ? 7.626   -6.568  -3.568  1.00 51.69  ? 72 ILE A O   1 
ATOM   572 C CB  . ILE A 1 72 ? 7.905   -8.626  -5.626  1.00 51.03  ? 72 ILE A CB  1 
ATOM   573 C CG1 . ILE A 1 72 ? 6.407   -8.851  -5.890  1.00 59.06  ? 72 ILE A CG1 1 
ATOM   574 C CG2 . ILE A 1 72 ? 8.737   -9.593  -6.448  1.00 55.43  ? 72 ILE A CG2 1 
ATOM   575 C CD1 . ILE A 1 72 ? 5.951   -8.676  -7.335  1.00 44.24  ? 72 ILE A CD1 1 
ATOM   576 N N   . HIS A 1 73 ? 6.421   -8.197  -2.589  1.00 53.59  ? 73 HIS A N   1 
ATOM   577 C CA  . HIS A 1 73 ? 5.535   -7.262  -1.913  1.00 50.67  ? 73 HIS A CA  1 
ATOM   578 C C   . HIS A 1 73 ? 5.447   -7.336  -0.420  1.00 50.29  ? 73 HIS A C   1 
ATOM   579 O O   . HIS A 1 73 ? 5.541   -8.402  0.173   1.00 56.48  ? 73 HIS A O   1 
ATOM   580 C CB  . HIS A 1 73 ? 4.107   -7.434  -2.439  1.00 48.71  ? 73 HIS A CB  1 
ATOM   581 C CG  . HIS A 1 73 ? 3.942   -7.090  -3.879  1.00 53.35  ? 73 HIS A CG  1 
ATOM   582 N ND1 . HIS A 1 73 ? 3.109   -7.799  -4.717  1.00 50.31  ? 73 HIS A ND1 1 
ATOM   583 C CD2 . HIS A 1 73 ? 4.443   -6.071  -4.616  1.00 46.24  ? 73 HIS A CD2 1 
ATOM   584 C CE1 . HIS A 1 73 ? 3.099   -7.230  -5.903  1.00 52.56  ? 73 HIS A CE1 1 
ATOM   585 N NE2 . HIS A 1 73 ? 3.899   -6.178  -5.869  1.00 53.49  ? 73 HIS A NE2 1 
ATOM   586 N N   . ASP A 1 74 ? 5.241   -6.169  0.168   1.00 47.34  ? 74 ASP A N   1 
ATOM   587 C CA  . ASP A 1 74 ? 5.028   -6.031  1.595   1.00 47.70  ? 74 ASP A CA  1 
ATOM   588 C C   . ASP A 1 74 ? 3.660   -5.362  1.594   1.00 53.74  ? 74 ASP A C   1 
ATOM   589 O O   . ASP A 1 74 ? 3.319   -4.666  0.630   1.00 49.61  ? 74 ASP A O   1 
ATOM   590 C CB  . ASP A 1 74 ? 6.070   -5.115  2.244   1.00 52.07  ? 74 ASP A CB  1 
ATOM   591 C CG  . ASP A 1 74 ? 7.286   -5.881  2.764   1.00 57.66  ? 74 ASP A CG  1 
ATOM   592 O OD1 . ASP A 1 74 ? 7.204   -7.123  2.918   1.00 48.22  ? 74 ASP A OD1 1 
ATOM   593 O OD2 . ASP A 1 74 ? 8.321   -5.230  3.034   1.00 59.66  ? 74 ASP A OD2 1 
ATOM   594 N N   . TYR A 1 75 ? 2.859   -5.586  2.631   1.00 47.74  ? 75 TYR A N   1 
ATOM   595 C CA  . TYR A 1 75 ? 1.543   -4.959  2.675   1.00 51.38  ? 75 TYR A CA  1 
ATOM   596 C C   . TYR A 1 75 ? 1.064   -4.799  4.103   1.00 50.55  ? 75 TYR A C   1 
ATOM   597 O O   . TYR A 1 75 ? 1.569   -5.457  4.997   1.00 46.24  ? 75 TYR A O   1 
ATOM   598 C CB  . TYR A 1 75 ? 0.532   -5.778  1.847   1.00 39.94  ? 75 TYR A CB  1 
ATOM   599 C CG  . TYR A 1 75 ? 0.240   -7.144  2.404   1.00 46.03  ? 75 TYR A CG  1 
ATOM   600 C CD1 . TYR A 1 75 ? -0.656  -7.313  3.463   1.00 58.77  ? 75 TYR A CD1 1 
ATOM   601 C CD2 . TYR A 1 75 ? 0.880   -8.270  1.902   1.00 56.69  ? 75 TYR A CD2 1 
ATOM   602 C CE1 . TYR A 1 75 ? -0.908  -8.575  4.009   1.00 65.71  ? 75 TYR A CE1 1 
ATOM   603 C CE2 . TYR A 1 75 ? 0.638   -9.548  2.441   1.00 54.96  ? 75 TYR A CE2 1 
ATOM   604 C CZ  . TYR A 1 75 ? -0.257  -9.695  3.491   1.00 71.40  ? 75 TYR A CZ  1 
ATOM   605 O OH  . TYR A 1 75 ? -0.517  -10.957 4.002   1.00 69.08  ? 75 TYR A OH  1 
ATOM   606 N N   . GLU A 1 76 ? 0.121   -3.892  4.316   1.00 51.40  ? 76 GLU A N   1 
ATOM   607 C CA  . GLU A 1 76 ? -0.447  -3.686  5.633   1.00 52.07  ? 76 GLU A CA  1 
ATOM   608 C C   . GLU A 1 76 ? -1.934  -3.405  5.510   1.00 53.44  ? 76 GLU A C   1 
ATOM   609 O O   . GLU A 1 76 ? -2.374  -2.806  4.534   1.00 42.62  ? 76 GLU A O   1 
ATOM   610 C CB  . GLU A 1 76 ? 0.275   -2.572  6.386   1.00 56.04  ? 76 GLU A CB  1 
ATOM   611 C CG  . GLU A 1 76 ? 0.526   -1.298  5.625   1.00 80.08  ? 76 GLU A CG  1 
ATOM   612 C CD  . GLU A 1 76 ? 1.221   -0.247  6.497   1.00 93.07  ? 76 GLU A CD  1 
ATOM   613 O OE1 . GLU A 1 76 ? 0.607   0.181   7.508   1.00 92.39  ? 76 GLU A OE1 1 
ATOM   614 O OE2 . GLU A 1 76 ? 2.373   0.143   6.170   1.00 91.13  ? 76 GLU A OE2 1 
ATOM   615 N N   . ILE A 1 77 ? -2.700  -3.850  6.512   1.00 48.69  ? 77 ILE A N   1 
ATOM   616 C CA  . ILE A 1 77 ? -4.157  -3.719  6.523   1.00 46.71  ? 77 ILE A CA  1 
ATOM   617 C C   . ILE A 1 77 ? -4.792  -2.985  7.708   1.00 52.75  ? 77 ILE A C   1 
ATOM   618 O O   . ILE A 1 77 ? -4.579  -3.336  8.868   1.00 58.30  ? 77 ILE A O   1 
ATOM   619 C CB  . ILE A 1 77 ? -4.806  -5.127  6.439   1.00 46.15  ? 77 ILE A CB  1 
ATOM   620 C CG1 . ILE A 1 77 ? -4.220  -5.894  5.245   1.00 40.65  ? 77 ILE A CG1 1 
ATOM   621 C CG2 . ILE A 1 77 ? -6.320  -5.005  6.334   1.00 44.82  ? 77 ILE A CG2 1 
ATOM   622 C CD1 . ILE A 1 77 ? -4.307  -7.399  5.387   1.00 37.89  ? 77 ILE A CD1 1 
ATOM   623 N N   . LYS A 1 78 ? -5.595  -1.980  7.398   1.00 50.26  ? 78 LYS A N   1 
ATOM   624 C CA  . LYS A 1 78 ? -6.311  -1.206  8.402   1.00 54.98  ? 78 LYS A CA  1 
ATOM   625 C C   . LYS A 1 78 ? -7.800  -1.445  8.146   1.00 51.27  ? 78 LYS A C   1 
ATOM   626 O O   . LYS A 1 78 ? -8.258  -1.365  7.009   1.00 44.12  ? 78 LYS A O   1 
ATOM   627 C CB  . LYS A 1 78 ? -5.989  0.282   8.255   1.00 60.62  ? 78 LYS A CB  1 
ATOM   628 C CG  . LYS A 1 78 ? -4.500  0.588   8.386   1.00 83.57  ? 78 LYS A CG  1 
ATOM   629 C CD  . LYS A 1 78 ? -4.086  1.865   7.640   1.00 88.82  ? 78 LYS A CD  1 
ATOM   630 C CE  . LYS A 1 78 ? -2.560  2.015   7.616   1.00 90.09  ? 78 LYS A CE  1 
ATOM   631 N NZ  . LYS A 1 78 ? -2.106  3.173   6.800   1.00 85.57  ? 78 LYS A NZ  1 
ATOM   632 N N   . VAL A 1 79 ? -8.548  -1.758  9.197   1.00 47.13  ? 79 VAL A N   1 
ATOM   633 C CA  . VAL A 1 79 ? -9.982  -2.007  9.059   1.00 49.01  ? 79 VAL A CA  1 
ATOM   634 C C   . VAL A 1 79 ? -10.762 -1.045  9.950   1.00 54.94  ? 79 VAL A C   1 
ATOM   635 O O   . VAL A 1 79 ? -10.535 -0.979  11.157  1.00 52.74  ? 79 VAL A O   1 
ATOM   636 C CB  . VAL A 1 79 ? -10.340 -3.480  9.444   1.00 44.87  ? 79 VAL A CB  1 
ATOM   637 C CG1 . VAL A 1 79 ? -11.836 -3.703  9.367   1.00 40.83  ? 79 VAL A CG1 1 
ATOM   638 C CG2 . VAL A 1 79 ? -9.627  -4.441  8.529   1.00 47.63  ? 79 VAL A CG2 1 
ATOM   639 N N   . GLU A 1 80 ? -11.661 -0.282  9.345   1.00 55.25  ? 80 GLU A N   1 
ATOM   640 C CA  . GLU A 1 80 ? -12.481 0.651   10.090  1.00 65.31  ? 80 GLU A CA  1 
ATOM   641 C C   . GLU A 1 80 ? -13.933 0.309   9.863   1.00 69.77  ? 80 GLU A C   1 
ATOM   642 O O   . GLU A 1 80 ? -14.332 0.040   8.729   1.00 64.71  ? 80 GLU A O   1 
ATOM   643 C CB  . GLU A 1 80 ? -12.247 2.076   9.618   1.00 73.57  ? 80 GLU A CB  1 
ATOM   644 C CG  . GLU A 1 80 ? -10.889 2.640   9.939   1.00 94.61  ? 80 GLU A CG  1 
ATOM   645 C CD  . GLU A 1 80 ? -10.763 4.072   9.464   1.00 106.85 ? 80 GLU A CD  1 
ATOM   646 O OE1 . GLU A 1 80 ? -10.986 4.306   8.253   1.00 110.52 ? 80 GLU A OE1 1 
ATOM   647 O OE2 . GLU A 1 80 ? -10.451 4.958   10.297  1.00 109.77 ? 80 GLU A OE2 1 
ATOM   648 N N   . LYS A 1 81 ? -14.722 0.307   10.931  1.00 70.61  ? 81 LYS A N   1 
ATOM   649 C CA  . LYS A 1 81 ? -16.145 0.025   10.784  1.00 67.82  ? 81 LYS A CA  1 
ATOM   650 C C   . LYS A 1 81 ? -16.839 1.281   10.294  1.00 60.97  ? 81 LYS A C   1 
ATOM   651 O O   . LYS A 1 81 ? -16.604 2.377   10.817  1.00 54.69  ? 81 LYS A O   1 
ATOM   652 C CB  . LYS A 1 81 ? -16.784 -0.393  12.107  1.00 78.57  ? 81 LYS A CB  1 
ATOM   653 C CG  . LYS A 1 81 ? -18.312 -0.462  12.013  1.00 89.08  ? 81 LYS A CG  1 
ATOM   654 C CD  . LYS A 1 81 ? -18.959 -1.050  13.255  1.00 94.16  ? 81 LYS A CD  1 
ATOM   655 C CE  . LYS A 1 81 ? -20.472 -1.047  13.121  1.00 99.27  ? 81 LYS A CE  1 
ATOM   656 N NZ  . LYS A 1 81 ? -20.915 -1.758  11.884  1.00 98.21  ? 81 LYS A NZ  1 
ATOM   657 N N   . ILE A 1 82 ? -17.684 1.127   9.282   1.00 55.02  ? 82 ILE A N   1 
ATOM   658 C CA  . ILE A 1 82 ? -18.413 2.266   8.746   1.00 54.38  ? 82 ILE A CA  1 
ATOM   659 C C   . ILE A 1 82 ? -19.562 2.478   9.703   1.00 63.62  ? 82 ILE A C   1 
ATOM   660 O O   . ILE A 1 82 ? -20.362 1.564   9.958   1.00 65.31  ? 82 ILE A O   1 
ATOM   661 C CB  . ILE A 1 82 ? -18.935 1.995   7.341   1.00 56.49  ? 82 ILE A CB  1 
ATOM   662 C CG1 . ILE A 1 82 ? -17.758 1.728   6.403   1.00 50.33  ? 82 ILE A CG1 1 
ATOM   663 C CG2 . ILE A 1 82 ? -19.726 3.202   6.847   1.00 49.50  ? 82 ILE A CG2 1 
ATOM   664 C CD1 . ILE A 1 82 ? -18.132 0.944   5.187   1.00 52.78  ? 82 ILE A CD1 1 
ATOM   665 N N   . GLU A 1 83 ? -19.643 3.697   10.227  1.00 64.31  ? 83 GLU A N   1 
ATOM   666 C CA  . GLU A 1 83 ? -20.659 4.027   11.246  1.00 67.26  ? 83 GLU A CA  1 
ATOM   667 C C   . GLU A 1 83 ? -21.655 5.111   10.774  1.00 66.21  ? 83 GLU A C   1 
ATOM   668 O O   . GLU A 1 83 ? -21.356 5.810   9.783   1.00 64.63  ? 83 GLU A O   1 
ATOM   669 C CB  . GLU A 1 83 ? -19.912 4.515   12.502  1.00 68.97  ? 83 GLU A CB  1 
ATOM   670 C CG  . GLU A 1 83 ? -18.921 3.488   13.067  1.00 74.22  ? 83 GLU A CG  1 
ATOM   671 C CD  . GLU A 1 83 ? -19.681 2.399   13.856  1.00 83.27  ? 83 GLU A CD  1 
ATOM   672 O OE1 . GLU A 1 83 ? -19.112 1.850   14.881  1.00 87.01  ? 83 GLU A OE1 1 
ATOM   673 O OE2 . GLU A 1 83 ? -20.866 2.081   13.459  1.00 87.92  ? 83 GLU A OE2 1 
ATOM   674 O OXT . GLU A 1 83 ? -22.724 5.222   11.430  1.00 66.23  ? 83 GLU A OXT 1 
HETATM 675 O O   . HOH B 2 .  ? 14.056  3.187   -4.063  1.00 64.10  ? 84 HOH A O   1 
HETATM 676 O O   . HOH B 2 .  ? 4.251   -7.767  4.742   1.00 52.22  ? 85 HOH A O   1 
HETATM 677 O O   . HOH B 2 .  ? 13.897  8.692   -4.092  1.00 56.61  ? 86 HOH A O   1 
HETATM 678 O O   . HOH B 2 .  ? -2.658  -5.653  -6.508  1.00 59.62  ? 87 HOH A O   1 
HETATM 679 O O   . HOH B 2 .  ? 7.210   -7.491  6.320   1.00 69.19  ? 88 HOH A O   1 
HETATM 680 O O   . HOH B 2 .  ? -6.924  -1.686  11.824  1.00 54.56  ? 89 HOH A O   1 
HETATM 681 O O   . HOH B 2 .  ? 11.025  -0.151  -1.350  1.00 74.23  ? 90 HOH A O   1 
HETATM 682 O O   . HOH B 2 .  ? -20.583 -0.840  16.267  1.00 69.78  ? 91 HOH A O   1 
HETATM 683 O O   . HOH B 2 .  ? 17.068  -3.615  -5.109  1.00 49.41  ? 92 HOH A O   1 
HETATM 684 O O   . HOH B 2 .  ? 9.263   24.718  -13.354 1.00 60.96  ? 93 HOH A O   1 
HETATM 685 O O   . HOH B 2 .  ? -1.093  -13.279 -6.364  1.00 51.46  ? 94 HOH A O   1 
# 
loop_
_pdbx_poly_seq_scheme.asym_id 
_pdbx_poly_seq_scheme.entity_id 
_pdbx_poly_seq_scheme.seq_id 
_pdbx_poly_seq_scheme.mon_id 
_pdbx_poly_seq_scheme.ndb_seq_num 
_pdbx_poly_seq_scheme.pdb_seq_num 
_pdbx_poly_seq_scheme.auth_seq_num 
_pdbx_poly_seq_scheme.pdb_mon_id 
_pdbx_poly_seq_scheme.auth_mon_id 
_pdbx_poly_seq_scheme.pdb_strand_id 
_pdbx_poly_seq_scheme.pdb_ins_code 
_pdbx_poly_seq_scheme.hetero 
A 1 1  MET 1  1  1  MET MET A . n 
A 1 2  TYR 2  2  2  TYR TYR A . n 
A 1 3  LYS 3  3  3  LYS LYS A . n 
A 1 4  ALA 4  4  4  ALA ALA A . n 
A 1 5  THR 5  5  5  THR THR A . n 
A 1 6  VAL 6  6  6  VAL VAL A . n 
A 1 7  ILE 7  7  7  ILE ILE A . n 
A 1 8  ILE 8  8  8  ILE ILE A . n 
A 1 9  LYS 9  9  9  LYS LYS A . n 
A 1 10 LEU 10 10 10 LEU LEU A . n 
A 1 11 LYS 11 11 11 LYS LYS A . n 
A 1 12 LYS 12 12 12 LYS LYS A . n 
A 1 13 GLY 13 13 13 GLY GLY A . n 
A 1 14 VAL 14 14 14 VAL VAL A . n 
A 1 15 LEU 15 15 15 LEU LEU A . n 
A 1 16 ASN 16 16 16 ASN ASN A . n 
A 1 17 PRO 17 17 17 PRO PRO A . n 
A 1 18 GLU 18 18 18 GLU GLU A . n 
A 1 19 GLY 19 19 19 GLY GLY A . n 
A 1 20 ARG 20 20 20 ARG ARG A . n 
A 1 21 THR 21 21 21 THR THR A . n 
A 1 22 ILE 22 22 22 ILE ILE A . n 
A 1 23 GLN 23 23 23 GLN GLN A . n 
A 1 24 ARG 24 24 24 ARG ARG A . n 
A 1 25 ALA 25 25 25 ALA ALA A . n 
A 1 26 LEU 26 26 26 LEU LEU A . n 
A 1 27 ASN 27 27 27 ASN ASN A . n 
A 1 28 PHE 28 28 28 PHE PHE A . n 
A 1 29 LEU 29 29 29 LEU LEU A . n 
A 1 30 GLY 30 30 30 GLY GLY A . n 
A 1 31 PHE 31 31 31 PHE PHE A . n 
A 1 32 ASN 32 32 32 ASN ASN A . n 
A 1 33 ASN 33 33 33 ASN ASN A . n 
A 1 34 VAL 34 34 34 VAL VAL A . n 
A 1 35 LYS 35 35 35 LYS LYS A . n 
A 1 36 GLU 36 36 36 GLU GLU A . n 
A 1 37 VAL 37 37 37 VAL VAL A . n 
A 1 38 GLN 38 38 38 GLN GLN A . n 
A 1 39 THR 39 39 39 THR THR A . n 
A 1 40 TYR 40 40 40 TYR TYR A . n 
A 1 41 LYS 41 41 41 LYS LYS A . n 
A 1 42 MET 42 42 42 MET MET A . n 
A 1 43 ILE 43 43 43 ILE ILE A . n 
A 1 44 ASP 44 44 44 ASP ASP A . n 
A 1 45 ILE 45 45 45 ILE ILE A . n 
A 1 46 ILE 46 46 46 ILE ILE A . n 
A 1 47 MET 47 47 47 MET MET A . n 
A 1 48 GLU 48 48 48 GLU GLU A . n 
A 1 49 GLY 49 49 ?  ?   ?   A . n 
A 1 50 GLU 50 50 50 GLU GLU A . n 
A 1 51 ASN 51 51 51 ASN ASN A . n 
A 1 52 GLU 52 52 52 GLU GLU A . n 
A 1 53 GLU 53 53 53 GLU GLU A . n 
A 1 54 LYS 54 54 54 LYS LYS A . n 
A 1 55 VAL 55 55 55 VAL VAL A . n 
A 1 56 LYS 56 56 56 LYS LYS A . n 
A 1 57 GLU 57 57 57 GLU GLU A . n 
A 1 58 GLU 58 58 58 GLU GLU A . n 
A 1 59 VAL 59 59 59 VAL VAL A . n 
A 1 60 GLU 60 60 60 GLU GLU A . n 
A 1 61 GLU 61 61 61 GLU GLU A . n 
A 1 62 MET 62 62 62 MET MET A . n 
A 1 63 CYS 63 63 63 CYS CYS A . n 
A 1 64 LYS 64 64 64 LYS LYS A . n 
A 1 65 LYS 65 65 65 LYS LYS A . n 
A 1 66 LEU 66 66 66 LEU LEU A . n 
A 1 67 LEU 67 67 67 LEU LEU A . n 
A 1 68 ALA 68 68 68 ALA ALA A . n 
A 1 69 ASN 69 69 69 ASN ASN A . n 
A 1 70 PRO 70 70 70 PRO PRO A . n 
A 1 71 VAL 71 71 71 VAL VAL A . n 
A 1 72 ILE 72 72 72 ILE ILE A . n 
A 1 73 HIS 73 73 73 HIS HIS A . n 
A 1 74 ASP 74 74 74 ASP ASP A . n 
A 1 75 TYR 75 75 75 TYR TYR A . n 
A 1 76 GLU 76 76 76 GLU GLU A . n 
A 1 77 ILE 77 77 77 ILE ILE A . n 
A 1 78 LYS 78 78 78 LYS LYS A . n 
A 1 79 VAL 79 79 79 VAL VAL A . n 
A 1 80 GLU 80 80 80 GLU GLU A . n 
A 1 81 LYS 81 81 81 LYS LYS A . n 
A 1 82 ILE 82 82 82 ILE ILE A . n 
A 1 83 GLU 83 83 83 GLU GLU A . n 
# 
_pdbx_SG_project.id                    1 
_pdbx_SG_project.project_name          'NPPSFA, National Project on Protein Structural and Functional Analyses' 
_pdbx_SG_project.full_name_of_center   'RIKEN Structural Genomics/Proteomics Initiative' 
_pdbx_SG_project.initial_of_center     RSGI 
# 
loop_
_pdbx_nonpoly_scheme.asym_id 
_pdbx_nonpoly_scheme.entity_id 
_pdbx_nonpoly_scheme.mon_id 
_pdbx_nonpoly_scheme.ndb_seq_num 
_pdbx_nonpoly_scheme.pdb_seq_num 
_pdbx_nonpoly_scheme.auth_seq_num 
_pdbx_nonpoly_scheme.pdb_mon_id 
_pdbx_nonpoly_scheme.auth_mon_id 
_pdbx_nonpoly_scheme.pdb_strand_id 
_pdbx_nonpoly_scheme.pdb_ins_code 
B 2 HOH 1  84 1  HOH HOH A . 
B 2 HOH 2  85 2  HOH HOH A . 
B 2 HOH 3  86 3  HOH HOH A . 
B 2 HOH 4  87 4  HOH HOH A . 
B 2 HOH 5  88 5  HOH HOH A . 
B 2 HOH 6  89 6  HOH HOH A . 
B 2 HOH 7  90 7  HOH HOH A . 
B 2 HOH 8  91 8  HOH HOH A . 
B 2 HOH 9  92 9  HOH HOH A . 
B 2 HOH 10 93 10 HOH HOH A . 
B 2 HOH 11 94 11 HOH HOH A . 
# 
_pdbx_struct_assembly.id                   1 
_pdbx_struct_assembly.details              author_and_software_defined_assembly 
_pdbx_struct_assembly.method_details       PISA,PQS 
_pdbx_struct_assembly.oligomeric_details   tetrameric 
_pdbx_struct_assembly.oligomeric_count     4 
# 
_pdbx_struct_assembly_gen.assembly_id       1 
_pdbx_struct_assembly_gen.oper_expression   1,2,3,4 
_pdbx_struct_assembly_gen.asym_id_list      A,B 
# 
loop_
_pdbx_struct_assembly_prop.biol_id 
_pdbx_struct_assembly_prop.type 
_pdbx_struct_assembly_prop.value 
_pdbx_struct_assembly_prop.details 
1 'ABSA (A^2)' 8830  ? 
1 MORE         -79   ? 
1 'SSA (A^2)'  16490 ? 
# 
loop_
_pdbx_struct_oper_list.id 
_pdbx_struct_oper_list.type 
_pdbx_struct_oper_list.name 
_pdbx_struct_oper_list.symmetry_operation 
_pdbx_struct_oper_list.matrix[1][1] 
_pdbx_struct_oper_list.matrix[1][2] 
_pdbx_struct_oper_list.matrix[1][3] 
_pdbx_struct_oper_list.vector[1] 
_pdbx_struct_oper_list.matrix[2][1] 
_pdbx_struct_oper_list.matrix[2][2] 
_pdbx_struct_oper_list.matrix[2][3] 
_pdbx_struct_oper_list.vector[2] 
_pdbx_struct_oper_list.matrix[3][1] 
_pdbx_struct_oper_list.matrix[3][2] 
_pdbx_struct_oper_list.matrix[3][3] 
_pdbx_struct_oper_list.vector[3] 
1 'identity operation'         1_555  x,y,z       1.0000000000  0.0000000000  0.0000000000  0.0000000000  0.0000000000  1.0000000000  0.0000000000  0.0000000000  0.0000000000  0.0000000000  1.0000000000  0.0000000000   
2 'crystal symmetry operation' 4_655  -x+1,-y,z   -0.0981294625 -0.8649691120 0.4921372207  7.5539577148  -0.8649691120 -0.1704224348 -0.4720006664 -4.0748619113 0.4921372207  -0.4720006664 -0.7314481027 -21.0049578845 
3 'crystal symmetry operation' 8_555  x-y,-y,-z   0.0095714467  0.9947670738  -0.1017194977 -2.0157994503 0.9947670738  -0.0198202074 -0.1002278812 -0.4473374296 -0.1017194977 -0.1002278812 -0.9897512393 -24.3816590754 
4 'crystal symmetry operation' 11_655 -x+y+1,y,-z -0.9114419842 -0.1297979619 -0.3904177230 -3.8604218422 -0.1297979619 -0.8097573577 0.5722285476  9.2531380143  -0.3904177230 0.5722285476  0.7211993420  -3.9519459869 
# 
loop_
_pdbx_audit_revision_history.ordinal 
_pdbx_audit_revision_history.data_content_type 
_pdbx_audit_revision_history.major_revision 
_pdbx_audit_revision_history.minor_revision 
_pdbx_audit_revision_history.revision_date 
1 'Structure model' 1 0 2007-10-30 
2 'Structure model' 1 1 2011-07-13 
3 'Structure model' 1 2 2023-10-25 
# 
_pdbx_audit_revision_details.ordinal             1 
_pdbx_audit_revision_details.revision_ordinal    1 
_pdbx_audit_revision_details.data_content_type   'Structure model' 
_pdbx_audit_revision_details.provider            repository 
_pdbx_audit_revision_details.type                'Initial release' 
_pdbx_audit_revision_details.description         ? 
_pdbx_audit_revision_details.details             ? 
# 
loop_
_pdbx_audit_revision_group.ordinal 
_pdbx_audit_revision_group.revision_ordinal 
_pdbx_audit_revision_group.data_content_type 
_pdbx_audit_revision_group.group 
1 2 'Structure model' 'Derived calculations'      
2 2 'Structure model' 'Version format compliance' 
3 3 'Structure model' 'Data collection'           
4 3 'Structure model' 'Database references'       
5 3 'Structure model' 'Refinement description'    
# 
loop_
_pdbx_audit_revision_category.ordinal 
_pdbx_audit_revision_category.revision_ordinal 
_pdbx_audit_revision_category.data_content_type 
_pdbx_audit_revision_category.category 
1 3 'Structure model' chem_comp_atom                
2 3 'Structure model' chem_comp_bond                
3 3 'Structure model' database_2                    
4 3 'Structure model' pdbx_initial_refinement_model 
# 
loop_
_pdbx_audit_revision_item.ordinal 
_pdbx_audit_revision_item.revision_ordinal 
_pdbx_audit_revision_item.data_content_type 
_pdbx_audit_revision_item.item 
1 3 'Structure model' '_database_2.pdbx_DOI'                
2 3 'Structure model' '_database_2.pdbx_database_accession' 
# 
loop_
_software.name 
_software.classification 
_software.version 
_software.citation_id 
_software.pdbx_ordinal 
CNS      refinement        1.1 ? 1 
HKL-2000 'data collection' .   ? 2 
HKL-2000 'data reduction'  .   ? 3 
HKL-2000 'data scaling'    .   ? 4 
MOLREP   phasing           .   ? 5 
# 
loop_
_pdbx_validate_torsion.id 
_pdbx_validate_torsion.PDB_model_num 
_pdbx_validate_torsion.auth_comp_id 
_pdbx_validate_torsion.auth_asym_id 
_pdbx_validate_torsion.auth_seq_id 
_pdbx_validate_torsion.PDB_ins_code 
_pdbx_validate_torsion.label_alt_id 
_pdbx_validate_torsion.phi 
_pdbx_validate_torsion.psi 
1 1 PHE A 31 ? ? -65.63  74.07  
2 1 LEU A 66 ? ? -154.27 -66.05 
# 
_pdbx_unobs_or_zero_occ_residues.id               1 
_pdbx_unobs_or_zero_occ_residues.PDB_model_num    1 
_pdbx_unobs_or_zero_occ_residues.polymer_flag     Y 
_pdbx_unobs_or_zero_occ_residues.occupancy_flag   1 
_pdbx_unobs_or_zero_occ_residues.auth_asym_id     A 
_pdbx_unobs_or_zero_occ_residues.auth_comp_id     GLY 
_pdbx_unobs_or_zero_occ_residues.auth_seq_id      49 
_pdbx_unobs_or_zero_occ_residues.PDB_ins_code     ? 
_pdbx_unobs_or_zero_occ_residues.label_asym_id    A 
_pdbx_unobs_or_zero_occ_residues.label_comp_id    GLY 
_pdbx_unobs_or_zero_occ_residues.label_seq_id     49 
# 
loop_
_chem_comp_atom.comp_id 
_chem_comp_atom.atom_id 
_chem_comp_atom.type_symbol 
_chem_comp_atom.pdbx_aromatic_flag 
_chem_comp_atom.pdbx_stereo_config 
_chem_comp_atom.pdbx_ordinal 
ALA N    N N N 1   
ALA CA   C N S 2   
ALA C    C N N 3   
ALA O    O N N 4   
ALA CB   C N N 5   
ALA OXT  O N N 6   
ALA H    H N N 7   
ALA H2   H N N 8   
ALA HA   H N N 9   
ALA HB1  H N N 10  
ALA HB2  H N N 11  
ALA HB3  H N N 12  
ALA HXT  H N N 13  
ARG N    N N N 14  
ARG CA   C N S 15  
ARG C    C N N 16  
ARG O    O N N 17  
ARG CB   C N N 18  
ARG CG   C N N 19  
ARG CD   C N N 20  
ARG NE   N N N 21  
ARG CZ   C N N 22  
ARG NH1  N N N 23  
ARG NH2  N N N 24  
ARG OXT  O N N 25  
ARG H    H N N 26  
ARG H2   H N N 27  
ARG HA   H N N 28  
ARG HB2  H N N 29  
ARG HB3  H N N 30  
ARG HG2  H N N 31  
ARG HG3  H N N 32  
ARG HD2  H N N 33  
ARG HD3  H N N 34  
ARG HE   H N N 35  
ARG HH11 H N N 36  
ARG HH12 H N N 37  
ARG HH21 H N N 38  
ARG HH22 H N N 39  
ARG HXT  H N N 40  
ASN N    N N N 41  
ASN CA   C N S 42  
ASN C    C N N 43  
ASN O    O N N 44  
ASN CB   C N N 45  
ASN CG   C N N 46  
ASN OD1  O N N 47  
ASN ND2  N N N 48  
ASN OXT  O N N 49  
ASN H    H N N 50  
ASN H2   H N N 51  
ASN HA   H N N 52  
ASN HB2  H N N 53  
ASN HB3  H N N 54  
ASN HD21 H N N 55  
ASN HD22 H N N 56  
ASN HXT  H N N 57  
ASP N    N N N 58  
ASP CA   C N S 59  
ASP C    C N N 60  
ASP O    O N N 61  
ASP CB   C N N 62  
ASP CG   C N N 63  
ASP OD1  O N N 64  
ASP OD2  O N N 65  
ASP OXT  O N N 66  
ASP H    H N N 67  
ASP H2   H N N 68  
ASP HA   H N N 69  
ASP HB2  H N N 70  
ASP HB3  H N N 71  
ASP HD2  H N N 72  
ASP HXT  H N N 73  
CYS N    N N N 74  
CYS CA   C N R 75  
CYS C    C N N 76  
CYS O    O N N 77  
CYS CB   C N N 78  
CYS SG   S N N 79  
CYS OXT  O N N 80  
CYS H    H N N 81  
CYS H2   H N N 82  
CYS HA   H N N 83  
CYS HB2  H N N 84  
CYS HB3  H N N 85  
CYS HG   H N N 86  
CYS HXT  H N N 87  
GLN N    N N N 88  
GLN CA   C N S 89  
GLN C    C N N 90  
GLN O    O N N 91  
GLN CB   C N N 92  
GLN CG   C N N 93  
GLN CD   C N N 94  
GLN OE1  O N N 95  
GLN NE2  N N N 96  
GLN OXT  O N N 97  
GLN H    H N N 98  
GLN H2   H N N 99  
GLN HA   H N N 100 
GLN HB2  H N N 101 
GLN HB3  H N N 102 
GLN HG2  H N N 103 
GLN HG3  H N N 104 
GLN HE21 H N N 105 
GLN HE22 H N N 106 
GLN HXT  H N N 107 
GLU N    N N N 108 
GLU CA   C N S 109 
GLU C    C N N 110 
GLU O    O N N 111 
GLU CB   C N N 112 
GLU CG   C N N 113 
GLU CD   C N N 114 
GLU OE1  O N N 115 
GLU OE2  O N N 116 
GLU OXT  O N N 117 
GLU H    H N N 118 
GLU H2   H N N 119 
GLU HA   H N N 120 
GLU HB2  H N N 121 
GLU HB3  H N N 122 
GLU HG2  H N N 123 
GLU HG3  H N N 124 
GLU HE2  H N N 125 
GLU HXT  H N N 126 
GLY N    N N N 127 
GLY CA   C N N 128 
GLY C    C N N 129 
GLY O    O N N 130 
GLY OXT  O N N 131 
GLY H    H N N 132 
GLY H2   H N N 133 
GLY HA2  H N N 134 
GLY HA3  H N N 135 
GLY HXT  H N N 136 
HIS N    N N N 137 
HIS CA   C N S 138 
HIS C    C N N 139 
HIS O    O N N 140 
HIS CB   C N N 141 
HIS CG   C Y N 142 
HIS ND1  N Y N 143 
HIS CD2  C Y N 144 
HIS CE1  C Y N 145 
HIS NE2  N Y N 146 
HIS OXT  O N N 147 
HIS H    H N N 148 
HIS H2   H N N 149 
HIS HA   H N N 150 
HIS HB2  H N N 151 
HIS HB3  H N N 152 
HIS HD1  H N N 153 
HIS HD2  H N N 154 
HIS HE1  H N N 155 
HIS HE2  H N N 156 
HIS HXT  H N N 157 
HOH O    O N N 158 
HOH H1   H N N 159 
HOH H2   H N N 160 
ILE N    N N N 161 
ILE CA   C N S 162 
ILE C    C N N 163 
ILE O    O N N 164 
ILE CB   C N S 165 
ILE CG1  C N N 166 
ILE CG2  C N N 167 
ILE CD1  C N N 168 
ILE OXT  O N N 169 
ILE H    H N N 170 
ILE H2   H N N 171 
ILE HA   H N N 172 
ILE HB   H N N 173 
ILE HG12 H N N 174 
ILE HG13 H N N 175 
ILE HG21 H N N 176 
ILE HG22 H N N 177 
ILE HG23 H N N 178 
ILE HD11 H N N 179 
ILE HD12 H N N 180 
ILE HD13 H N N 181 
ILE HXT  H N N 182 
LEU N    N N N 183 
LEU CA   C N S 184 
LEU C    C N N 185 
LEU O    O N N 186 
LEU CB   C N N 187 
LEU CG   C N N 188 
LEU CD1  C N N 189 
LEU CD2  C N N 190 
LEU OXT  O N N 191 
LEU H    H N N 192 
LEU H2   H N N 193 
LEU HA   H N N 194 
LEU HB2  H N N 195 
LEU HB3  H N N 196 
LEU HG   H N N 197 
LEU HD11 H N N 198 
LEU HD12 H N N 199 
LEU HD13 H N N 200 
LEU HD21 H N N 201 
LEU HD22 H N N 202 
LEU HD23 H N N 203 
LEU HXT  H N N 204 
LYS N    N N N 205 
LYS CA   C N S 206 
LYS C    C N N 207 
LYS O    O N N 208 
LYS CB   C N N 209 
LYS CG   C N N 210 
LYS CD   C N N 211 
LYS CE   C N N 212 
LYS NZ   N N N 213 
LYS OXT  O N N 214 
LYS H    H N N 215 
LYS H2   H N N 216 
LYS HA   H N N 217 
LYS HB2  H N N 218 
LYS HB3  H N N 219 
LYS HG2  H N N 220 
LYS HG3  H N N 221 
LYS HD2  H N N 222 
LYS HD3  H N N 223 
LYS HE2  H N N 224 
LYS HE3  H N N 225 
LYS HZ1  H N N 226 
LYS HZ2  H N N 227 
LYS HZ3  H N N 228 
LYS HXT  H N N 229 
MET N    N N N 230 
MET CA   C N S 231 
MET C    C N N 232 
MET O    O N N 233 
MET CB   C N N 234 
MET CG   C N N 235 
MET SD   S N N 236 
MET CE   C N N 237 
MET OXT  O N N 238 
MET H    H N N 239 
MET H2   H N N 240 
MET HA   H N N 241 
MET HB2  H N N 242 
MET HB3  H N N 243 
MET HG2  H N N 244 
MET HG3  H N N 245 
MET HE1  H N N 246 
MET HE2  H N N 247 
MET HE3  H N N 248 
MET HXT  H N N 249 
PHE N    N N N 250 
PHE CA   C N S 251 
PHE C    C N N 252 
PHE O    O N N 253 
PHE CB   C N N 254 
PHE CG   C Y N 255 
PHE CD1  C Y N 256 
PHE CD2  C Y N 257 
PHE CE1  C Y N 258 
PHE CE2  C Y N 259 
PHE CZ   C Y N 260 
PHE OXT  O N N 261 
PHE H    H N N 262 
PHE H2   H N N 263 
PHE HA   H N N 264 
PHE HB2  H N N 265 
PHE HB3  H N N 266 
PHE HD1  H N N 267 
PHE HD2  H N N 268 
PHE HE1  H N N 269 
PHE HE2  H N N 270 
PHE HZ   H N N 271 
PHE HXT  H N N 272 
PRO N    N N N 273 
PRO CA   C N S 274 
PRO C    C N N 275 
PRO O    O N N 276 
PRO CB   C N N 277 
PRO CG   C N N 278 
PRO CD   C N N 279 
PRO OXT  O N N 280 
PRO H    H N N 281 
PRO HA   H N N 282 
PRO HB2  H N N 283 
PRO HB3  H N N 284 
PRO HG2  H N N 285 
PRO HG3  H N N 286 
PRO HD2  H N N 287 
PRO HD3  H N N 288 
PRO HXT  H N N 289 
THR N    N N N 290 
THR CA   C N S 291 
THR C    C N N 292 
THR O    O N N 293 
THR CB   C N R 294 
THR OG1  O N N 295 
THR CG2  C N N 296 
THR OXT  O N N 297 
THR H    H N N 298 
THR H2   H N N 299 
THR HA   H N N 300 
THR HB   H N N 301 
THR HG1  H N N 302 
THR HG21 H N N 303 
THR HG22 H N N 304 
THR HG23 H N N 305 
THR HXT  H N N 306 
TYR N    N N N 307 
TYR CA   C N S 308 
TYR C    C N N 309 
TYR O    O N N 310 
TYR CB   C N N 311 
TYR CG   C Y N 312 
TYR CD1  C Y N 313 
TYR CD2  C Y N 314 
TYR CE1  C Y N 315 
TYR CE2  C Y N 316 
TYR CZ   C Y N 317 
TYR OH   O N N 318 
TYR OXT  O N N 319 
TYR H    H N N 320 
TYR H2   H N N 321 
TYR HA   H N N 322 
TYR HB2  H N N 323 
TYR HB3  H N N 324 
TYR HD1  H N N 325 
TYR HD2  H N N 326 
TYR HE1  H N N 327 
TYR HE2  H N N 328 
TYR HH   H N N 329 
TYR HXT  H N N 330 
VAL N    N N N 331 
VAL CA   C N S 332 
VAL C    C N N 333 
VAL O    O N N 334 
VAL CB   C N N 335 
VAL CG1  C N N 336 
VAL CG2  C N N 337 
VAL OXT  O N N 338 
VAL H    H N N 339 
VAL H2   H N N 340 
VAL HA   H N N 341 
VAL HB   H N N 342 
VAL HG11 H N N 343 
VAL HG12 H N N 344 
VAL HG13 H N N 345 
VAL HG21 H N N 346 
VAL HG22 H N N 347 
VAL HG23 H N N 348 
VAL HXT  H N N 349 
# 
loop_
_chem_comp_bond.comp_id 
_chem_comp_bond.atom_id_1 
_chem_comp_bond.atom_id_2 
_chem_comp_bond.value_order 
_chem_comp_bond.pdbx_aromatic_flag 
_chem_comp_bond.pdbx_stereo_config 
_chem_comp_bond.pdbx_ordinal 
ALA N   CA   sing N N 1   
ALA N   H    sing N N 2   
ALA N   H2   sing N N 3   
ALA CA  C    sing N N 4   
ALA CA  CB   sing N N 5   
ALA CA  HA   sing N N 6   
ALA C   O    doub N N 7   
ALA C   OXT  sing N N 8   
ALA CB  HB1  sing N N 9   
ALA CB  HB2  sing N N 10  
ALA CB  HB3  sing N N 11  
ALA OXT HXT  sing N N 12  
ARG N   CA   sing N N 13  
ARG N   H    sing N N 14  
ARG N   H2   sing N N 15  
ARG CA  C    sing N N 16  
ARG CA  CB   sing N N 17  
ARG CA  HA   sing N N 18  
ARG C   O    doub N N 19  
ARG C   OXT  sing N N 20  
ARG CB  CG   sing N N 21  
ARG CB  HB2  sing N N 22  
ARG CB  HB3  sing N N 23  
ARG CG  CD   sing N N 24  
ARG CG  HG2  sing N N 25  
ARG CG  HG3  sing N N 26  
ARG CD  NE   sing N N 27  
ARG CD  HD2  sing N N 28  
ARG CD  HD3  sing N N 29  
ARG NE  CZ   sing N N 30  
ARG NE  HE   sing N N 31  
ARG CZ  NH1  sing N N 32  
ARG CZ  NH2  doub N N 33  
ARG NH1 HH11 sing N N 34  
ARG NH1 HH12 sing N N 35  
ARG NH2 HH21 sing N N 36  
ARG NH2 HH22 sing N N 37  
ARG OXT HXT  sing N N 38  
ASN N   CA   sing N N 39  
ASN N   H    sing N N 40  
ASN N   H2   sing N N 41  
ASN CA  C    sing N N 42  
ASN CA  CB   sing N N 43  
ASN CA  HA   sing N N 44  
ASN C   O    doub N N 45  
ASN C   OXT  sing N N 46  
ASN CB  CG   sing N N 47  
ASN CB  HB2  sing N N 48  
ASN CB  HB3  sing N N 49  
ASN CG  OD1  doub N N 50  
ASN CG  ND2  sing N N 51  
ASN ND2 HD21 sing N N 52  
ASN ND2 HD22 sing N N 53  
ASN OXT HXT  sing N N 54  
ASP N   CA   sing N N 55  
ASP N   H    sing N N 56  
ASP N   H2   sing N N 57  
ASP CA  C    sing N N 58  
ASP CA  CB   sing N N 59  
ASP CA  HA   sing N N 60  
ASP C   O    doub N N 61  
ASP C   OXT  sing N N 62  
ASP CB  CG   sing N N 63  
ASP CB  HB2  sing N N 64  
ASP CB  HB3  sing N N 65  
ASP CG  OD1  doub N N 66  
ASP CG  OD2  sing N N 67  
ASP OD2 HD2  sing N N 68  
ASP OXT HXT  sing N N 69  
CYS N   CA   sing N N 70  
CYS N   H    sing N N 71  
CYS N   H2   sing N N 72  
CYS CA  C    sing N N 73  
CYS CA  CB   sing N N 74  
CYS CA  HA   sing N N 75  
CYS C   O    doub N N 76  
CYS C   OXT  sing N N 77  
CYS CB  SG   sing N N 78  
CYS CB  HB2  sing N N 79  
CYS CB  HB3  sing N N 80  
CYS SG  HG   sing N N 81  
CYS OXT HXT  sing N N 82  
GLN N   CA   sing N N 83  
GLN N   H    sing N N 84  
GLN N   H2   sing N N 85  
GLN CA  C    sing N N 86  
GLN CA  CB   sing N N 87  
GLN CA  HA   sing N N 88  
GLN C   O    doub N N 89  
GLN C   OXT  sing N N 90  
GLN CB  CG   sing N N 91  
GLN CB  HB2  sing N N 92  
GLN CB  HB3  sing N N 93  
GLN CG  CD   sing N N 94  
GLN CG  HG2  sing N N 95  
GLN CG  HG3  sing N N 96  
GLN CD  OE1  doub N N 97  
GLN CD  NE2  sing N N 98  
GLN NE2 HE21 sing N N 99  
GLN NE2 HE22 sing N N 100 
GLN OXT HXT  sing N N 101 
GLU N   CA   sing N N 102 
GLU N   H    sing N N 103 
GLU N   H2   sing N N 104 
GLU CA  C    sing N N 105 
GLU CA  CB   sing N N 106 
GLU CA  HA   sing N N 107 
GLU C   O    doub N N 108 
GLU C   OXT  sing N N 109 
GLU CB  CG   sing N N 110 
GLU CB  HB2  sing N N 111 
GLU CB  HB3  sing N N 112 
GLU CG  CD   sing N N 113 
GLU CG  HG2  sing N N 114 
GLU CG  HG3  sing N N 115 
GLU CD  OE1  doub N N 116 
GLU CD  OE2  sing N N 117 
GLU OE2 HE2  sing N N 118 
GLU OXT HXT  sing N N 119 
GLY N   CA   sing N N 120 
GLY N   H    sing N N 121 
GLY N   H2   sing N N 122 
GLY CA  C    sing N N 123 
GLY CA  HA2  sing N N 124 
GLY CA  HA3  sing N N 125 
GLY C   O    doub N N 126 
GLY C   OXT  sing N N 127 
GLY OXT HXT  sing N N 128 
HIS N   CA   sing N N 129 
HIS N   H    sing N N 130 
HIS N   H2   sing N N 131 
HIS CA  C    sing N N 132 
HIS CA  CB   sing N N 133 
HIS CA  HA   sing N N 134 
HIS C   O    doub N N 135 
HIS C   OXT  sing N N 136 
HIS CB  CG   sing N N 137 
HIS CB  HB2  sing N N 138 
HIS CB  HB3  sing N N 139 
HIS CG  ND1  sing Y N 140 
HIS CG  CD2  doub Y N 141 
HIS ND1 CE1  doub Y N 142 
HIS ND1 HD1  sing N N 143 
HIS CD2 NE2  sing Y N 144 
HIS CD2 HD2  sing N N 145 
HIS CE1 NE2  sing Y N 146 
HIS CE1 HE1  sing N N 147 
HIS NE2 HE2  sing N N 148 
HIS OXT HXT  sing N N 149 
HOH O   H1   sing N N 150 
HOH O   H2   sing N N 151 
ILE N   CA   sing N N 152 
ILE N   H    sing N N 153 
ILE N   H2   sing N N 154 
ILE CA  C    sing N N 155 
ILE CA  CB   sing N N 156 
ILE CA  HA   sing N N 157 
ILE C   O    doub N N 158 
ILE C   OXT  sing N N 159 
ILE CB  CG1  sing N N 160 
ILE CB  CG2  sing N N 161 
ILE CB  HB   sing N N 162 
ILE CG1 CD1  sing N N 163 
ILE CG1 HG12 sing N N 164 
ILE CG1 HG13 sing N N 165 
ILE CG2 HG21 sing N N 166 
ILE CG2 HG22 sing N N 167 
ILE CG2 HG23 sing N N 168 
ILE CD1 HD11 sing N N 169 
ILE CD1 HD12 sing N N 170 
ILE CD1 HD13 sing N N 171 
ILE OXT HXT  sing N N 172 
LEU N   CA   sing N N 173 
LEU N   H    sing N N 174 
LEU N   H2   sing N N 175 
LEU CA  C    sing N N 176 
LEU CA  CB   sing N N 177 
LEU CA  HA   sing N N 178 
LEU C   O    doub N N 179 
LEU C   OXT  sing N N 180 
LEU CB  CG   sing N N 181 
LEU CB  HB2  sing N N 182 
LEU CB  HB3  sing N N 183 
LEU CG  CD1  sing N N 184 
LEU CG  CD2  sing N N 185 
LEU CG  HG   sing N N 186 
LEU CD1 HD11 sing N N 187 
LEU CD1 HD12 sing N N 188 
LEU CD1 HD13 sing N N 189 
LEU CD2 HD21 sing N N 190 
LEU CD2 HD22 sing N N 191 
LEU CD2 HD23 sing N N 192 
LEU OXT HXT  sing N N 193 
LYS N   CA   sing N N 194 
LYS N   H    sing N N 195 
LYS N   H2   sing N N 196 
LYS CA  C    sing N N 197 
LYS CA  CB   sing N N 198 
LYS CA  HA   sing N N 199 
LYS C   O    doub N N 200 
LYS C   OXT  sing N N 201 
LYS CB  CG   sing N N 202 
LYS CB  HB2  sing N N 203 
LYS CB  HB3  sing N N 204 
LYS CG  CD   sing N N 205 
LYS CG  HG2  sing N N 206 
LYS CG  HG3  sing N N 207 
LYS CD  CE   sing N N 208 
LYS CD  HD2  sing N N 209 
LYS CD  HD3  sing N N 210 
LYS CE  NZ   sing N N 211 
LYS CE  HE2  sing N N 212 
LYS CE  HE3  sing N N 213 
LYS NZ  HZ1  sing N N 214 
LYS NZ  HZ2  sing N N 215 
LYS NZ  HZ3  sing N N 216 
LYS OXT HXT  sing N N 217 
MET N   CA   sing N N 218 
MET N   H    sing N N 219 
MET N   H2   sing N N 220 
MET CA  C    sing N N 221 
MET CA  CB   sing N N 222 
MET CA  HA   sing N N 223 
MET C   O    doub N N 224 
MET C   OXT  sing N N 225 
MET CB  CG   sing N N 226 
MET CB  HB2  sing N N 227 
MET CB  HB3  sing N N 228 
MET CG  SD   sing N N 229 
MET CG  HG2  sing N N 230 
MET CG  HG3  sing N N 231 
MET SD  CE   sing N N 232 
MET CE  HE1  sing N N 233 
MET CE  HE2  sing N N 234 
MET CE  HE3  sing N N 235 
MET OXT HXT  sing N N 236 
PHE N   CA   sing N N 237 
PHE N   H    sing N N 238 
PHE N   H2   sing N N 239 
PHE CA  C    sing N N 240 
PHE CA  CB   sing N N 241 
PHE CA  HA   sing N N 242 
PHE C   O    doub N N 243 
PHE C   OXT  sing N N 244 
PHE CB  CG   sing N N 245 
PHE CB  HB2  sing N N 246 
PHE CB  HB3  sing N N 247 
PHE CG  CD1  doub Y N 248 
PHE CG  CD2  sing Y N 249 
PHE CD1 CE1  sing Y N 250 
PHE CD1 HD1  sing N N 251 
PHE CD2 CE2  doub Y N 252 
PHE CD2 HD2  sing N N 253 
PHE CE1 CZ   doub Y N 254 
PHE CE1 HE1  sing N N 255 
PHE CE2 CZ   sing Y N 256 
PHE CE2 HE2  sing N N 257 
PHE CZ  HZ   sing N N 258 
PHE OXT HXT  sing N N 259 
PRO N   CA   sing N N 260 
PRO N   CD   sing N N 261 
PRO N   H    sing N N 262 
PRO CA  C    sing N N 263 
PRO CA  CB   sing N N 264 
PRO CA  HA   sing N N 265 
PRO C   O    doub N N 266 
PRO C   OXT  sing N N 267 
PRO CB  CG   sing N N 268 
PRO CB  HB2  sing N N 269 
PRO CB  HB3  sing N N 270 
PRO CG  CD   sing N N 271 
PRO CG  HG2  sing N N 272 
PRO CG  HG3  sing N N 273 
PRO CD  HD2  sing N N 274 
PRO CD  HD3  sing N N 275 
PRO OXT HXT  sing N N 276 
THR N   CA   sing N N 277 
THR N   H    sing N N 278 
THR N   H2   sing N N 279 
THR CA  C    sing N N 280 
THR CA  CB   sing N N 281 
THR CA  HA   sing N N 282 
THR C   O    doub N N 283 
THR C   OXT  sing N N 284 
THR CB  OG1  sing N N 285 
THR CB  CG2  sing N N 286 
THR CB  HB   sing N N 287 
THR OG1 HG1  sing N N 288 
THR CG2 HG21 sing N N 289 
THR CG2 HG22 sing N N 290 
THR CG2 HG23 sing N N 291 
THR OXT HXT  sing N N 292 
TYR N   CA   sing N N 293 
TYR N   H    sing N N 294 
TYR N   H2   sing N N 295 
TYR CA  C    sing N N 296 
TYR CA  CB   sing N N 297 
TYR CA  HA   sing N N 298 
TYR C   O    doub N N 299 
TYR C   OXT  sing N N 300 
TYR CB  CG   sing N N 301 
TYR CB  HB2  sing N N 302 
TYR CB  HB3  sing N N 303 
TYR CG  CD1  doub Y N 304 
TYR CG  CD2  sing Y N 305 
TYR CD1 CE1  sing Y N 306 
TYR CD1 HD1  sing N N 307 
TYR CD2 CE2  doub Y N 308 
TYR CD2 HD2  sing N N 309 
TYR CE1 CZ   doub Y N 310 
TYR CE1 HE1  sing N N 311 
TYR CE2 CZ   sing Y N 312 
TYR CE2 HE2  sing N N 313 
TYR CZ  OH   sing N N 314 
TYR OH  HH   sing N N 315 
TYR OXT HXT  sing N N 316 
VAL N   CA   sing N N 317 
VAL N   H    sing N N 318 
VAL N   H2   sing N N 319 
VAL CA  C    sing N N 320 
VAL CA  CB   sing N N 321 
VAL CA  HA   sing N N 322 
VAL C   O    doub N N 323 
VAL C   OXT  sing N N 324 
VAL CB  CG1  sing N N 325 
VAL CB  CG2  sing N N 326 
VAL CB  HB   sing N N 327 
VAL CG1 HG11 sing N N 328 
VAL CG1 HG12 sing N N 329 
VAL CG1 HG13 sing N N 330 
VAL CG2 HG21 sing N N 331 
VAL CG2 HG22 sing N N 332 
VAL CG2 HG23 sing N N 333 
VAL OXT HXT  sing N N 334 
# 
_pdbx_entity_nonpoly.entity_id   2 
_pdbx_entity_nonpoly.name        water 
_pdbx_entity_nonpoly.comp_id     HOH 
# 
_pdbx_initial_refinement_model.id               1 
_pdbx_initial_refinement_model.entity_id_list   ? 
_pdbx_initial_refinement_model.type             'experimental model' 
_pdbx_initial_refinement_model.source_name      PDB 
_pdbx_initial_refinement_model.accession_code   1T4A 
_pdbx_initial_refinement_model.details          'PDB ENTRY 1T4A' 
# 
